data_8FYL
#
_entry.id   8FYL
#
_cell.length_a   1.00
_cell.length_b   1.00
_cell.length_c   1.00
_cell.angle_alpha   90.00
_cell.angle_beta   90.00
_cell.angle_gamma   90.00
#
_symmetry.space_group_name_H-M   'P 1'
#
loop_
_entity.id
_entity.type
_entity.pdbx_description
1 polymer 'Guanine nucleotide-binding protein G(i) subunit alpha-1'
2 polymer 'Guanine nucleotide-binding protein G(I)/G(S)/G(T) subunit beta-1'
3 polymer 'Guanine nucleotide-binding protein G(I)/G(S)/G(O) subunit gamma-2'
4 polymer 'Soluble cytochrome b562,5-hydroxytryptamine receptor 1A,5-hydroxytryptamine receptor 1A'
5 non-polymer '[(2R)-1-[oxidanyl-[(2R,3R,5S,6R)-2,3,5,6-tetrakis(oxidanyl)-4-phosphonooxy-cyclohexyl]oxy-phosphoryl]oxy-3-tetradecanoyloxy-propan-2-yl] (5E,8E)-hexadeca-5,8,11,14-tetraenoate'
6 non-polymer 5-{4-[4-(5-cyano-1H-indol-3-yl)butyl]piperazin-1-yl}-1-benzofuran-2-carboxamide
7 non-polymer 'CHOLESTEROL HEMISUCCINATE'
#
loop_
_entity_poly.entity_id
_entity_poly.type
_entity_poly.pdbx_seq_one_letter_code
_entity_poly.pdbx_strand_id
1 'polypeptide(L)'
;MGCTLSAEDKAAVERSKMIDRNLREDGEKAAREVKLLLLGAGESGKSTIVKQMKIIHEAGYSEEECKQYKAVVYSNTIQS
IIAIIRAMGRLKIDFGDSARADDARQLFVLAGAAEEGFMTAELAGVIKRLWKDSGVQACFNRSREYQLNDSAAYYLNDLD
RIAQPNYIPTQQDVLRTRVKTTGIVETHFTFKDLHFKMFDVGGQRSERKKWIHCFEGVTAIIFCVALSDYDLVLAEDEEM
NRMHESMKLFDSICNNKWFTDTSIILFLNKKDLFEEKIKKSPLTICYPEYAGSNTYEEAAAYIQCQFEDLNKRKDTKEIY
THFTCATDTKNVQFVFDAVTDVIIKNNLKDCGLF
;
A
2 'polypeptide(L)'
;MHHHHHHLEVLFQGPGSSGSELDQLRQEAEQLKNQIRDARKACADATLSQITNNIDPVGRIQMRTRRTLRGHLAKIYAMH
WGTDSRLLVSASQDGKLIIWDSYTTNKVHAIPLRSSWVMTCAYAPSGNYVACGGLDNICSIYNLKTREGNVRVSRELAGH
TGYLSCCRFLDDNQIVTSSGDTTCALWDIETGQQTTTFTGHTGDVMSLSLAPDTRLFVSGACDASAKLWDVREGMCRQTF
TGHESDINAICFFPNGNAFATGSDDATCRLFDLRADQELMTYSHDNIICGITSVSFSKSGRLLLAGYDDFNCNVWDALKA
DRAGVLAGHDNRVSCLGVTDDGMAVATGSWDSFLKIWN
;
B
3 'polypeptide(L)' MASNNTASIAQARKLVEQLKMEANIDRIKVSKAAADLMAYCEAHAKEDPLLTPVPASENPFREKKFFCAILGSAGSAGSA G
4 'polypeptide(L)'
;MKTIIALSYIFCLVFADYKDDDDAKLQTMHHHHHHHHHHENLYFQGGTTADLEDNWETLNDNLKVIEKADNAAQVKDALT
KMRAAALDAQKATPPKLEDKSPDSPEMKDFRHGFDILVGQIDDALKLANEGKVKEAQAAAEQLKTTRNAYIQKYLTGISD
VTVSYQVITSLLLGTLIFCAVLGNACVVAAIALERSLQNVANYLIGSLAVTDLMVSVLVLPMAALYQVLNKWTLGQVTCD
LFIALDVLCCTSSIWHLCAIALDRYWAITDPIDYVNKRTPRRAAALISLTWLIGFLISIPPMLGWRTPEDRSDPDACTIS
KDHGYTIYSTFGAFYIPLLLMLVLYGRIFRAARFRIRKTVKKVEKTGADTRHGASPAPQPKKSVNGESGSRNWRLGVESK
AGGALCANGAVRQGDDGAALEVIEVHRVGNSKEHLPLPSEAGPTPCAPASFERKNERNAEAKRKMALARERKTVKTLGII
MGTFILCWLPFFIVALVLPFCESSCHMPTLLGAIINWLGYSNSLLNPVIYAYFNKDFQNAFKKIIKCKFCRQ
;
R
#
# COMPACT_ATOMS: atom_id res chain seq x y z
N THR A 4 10.21 33.73 -3.55
CA THR A 4 9.47 33.72 -4.80
C THR A 4 10.41 33.82 -6.00
N LEU A 5 10.85 35.04 -6.30
CA LEU A 5 11.74 35.30 -7.41
C LEU A 5 13.20 35.35 -7.00
N SER A 6 13.53 35.11 -5.73
CA SER A 6 14.90 35.17 -5.29
C SER A 6 15.72 34.03 -5.89
N ALA A 7 17.03 34.25 -5.97
CA ALA A 7 17.91 33.24 -6.56
C ALA A 7 17.92 31.97 -5.72
N GLU A 8 17.92 32.11 -4.39
CA GLU A 8 17.93 30.93 -3.53
C GLU A 8 16.67 30.10 -3.72
N ASP A 9 15.51 30.76 -3.84
CA ASP A 9 14.27 30.02 -4.06
C ASP A 9 14.28 29.31 -5.40
N LYS A 10 14.80 29.95 -6.45
CA LYS A 10 14.89 29.29 -7.75
C LYS A 10 15.80 28.08 -7.68
N ALA A 11 16.94 28.21 -7.00
CA ALA A 11 17.85 27.07 -6.85
C ALA A 11 17.20 25.94 -6.09
N ALA A 12 16.47 26.27 -5.01
CA ALA A 12 15.80 25.24 -4.23
C ALA A 12 14.75 24.52 -5.06
N VAL A 13 13.96 25.26 -5.84
CA VAL A 13 12.94 24.62 -6.68
C VAL A 13 13.58 23.76 -7.76
N GLU A 14 14.69 24.23 -8.34
CA GLU A 14 15.39 23.44 -9.34
C GLU A 14 15.91 22.13 -8.74
N ARG A 15 16.51 22.21 -7.55
CA ARG A 15 17.00 21.00 -6.91
C ARG A 15 15.87 20.06 -6.55
N SER A 16 14.74 20.61 -6.11
CA SER A 16 13.58 19.77 -5.80
C SER A 16 13.08 19.05 -7.05
N LYS A 17 13.02 19.76 -8.18
CA LYS A 17 12.57 19.13 -9.42
C LYS A 17 13.54 18.04 -9.86
N MET A 18 14.85 18.30 -9.75
CA MET A 18 15.83 17.28 -10.12
C MET A 18 15.70 16.04 -9.24
N ILE A 19 15.53 16.24 -7.93
CA ILE A 19 15.38 15.12 -7.00
C ILE A 19 14.10 14.36 -7.30
N ASP A 20 13.02 15.07 -7.63
CA ASP A 20 11.77 14.39 -7.97
C ASP A 20 11.91 13.56 -9.24
N ARG A 21 12.62 14.09 -10.24
CA ARG A 21 12.85 13.32 -11.45
C ARG A 21 13.66 12.07 -11.17
N ASN A 22 14.71 12.20 -10.34
CA ASN A 22 15.50 11.02 -9.98
C ASN A 22 14.67 9.99 -9.23
N LEU A 23 13.81 10.46 -8.32
CA LEU A 23 12.94 9.54 -7.59
C LEU A 23 11.99 8.81 -8.54
N ARG A 24 11.41 9.53 -9.50
CA ARG A 24 10.50 8.90 -10.44
C ARG A 24 11.23 7.87 -11.30
N GLU A 25 12.44 8.19 -11.75
CA GLU A 25 13.21 7.24 -12.54
C GLU A 25 13.54 5.99 -11.73
N ASP A 26 13.96 6.16 -10.47
CA ASP A 26 14.26 5.01 -9.62
C ASP A 26 13.02 4.17 -9.37
N GLY A 27 11.87 4.81 -9.16
CA GLY A 27 10.64 4.07 -8.96
C GLY A 27 10.24 3.27 -10.18
N GLU A 28 10.37 3.87 -11.37
CA GLU A 28 10.08 3.12 -12.59
C GLU A 28 11.03 1.95 -12.76
N LYS A 29 12.31 2.14 -12.43
CA LYS A 29 13.27 1.05 -12.53
C LYS A 29 12.94 -0.08 -11.55
N ALA A 30 12.51 0.28 -10.34
CA ALA A 30 12.22 -0.73 -9.33
C ALA A 30 10.92 -1.45 -9.59
N ALA A 31 9.97 -0.80 -10.28
CA ALA A 31 8.69 -1.44 -10.56
C ALA A 31 8.81 -2.59 -11.55
N ARG A 32 9.93 -2.71 -12.25
CA ARG A 32 10.15 -3.76 -13.23
C ARG A 32 10.73 -5.02 -12.64
N GLU A 33 10.54 -5.24 -11.34
CA GLU A 33 11.15 -6.35 -10.62
C GLU A 33 10.07 -7.17 -9.92
N VAL A 34 10.23 -8.49 -9.96
CA VAL A 34 9.30 -9.42 -9.31
C VAL A 34 9.88 -9.77 -7.96
N LYS A 35 9.09 -9.57 -6.90
CA LYS A 35 9.54 -9.76 -5.54
C LYS A 35 8.97 -11.06 -4.98
N LEU A 36 9.83 -11.89 -4.39
CA LEU A 36 9.43 -13.16 -3.81
C LEU A 36 9.88 -13.20 -2.37
N LEU A 37 9.04 -13.77 -1.51
CA LEU A 37 9.35 -13.95 -0.10
C LEU A 37 9.67 -15.41 0.15
N LEU A 38 10.84 -15.68 0.72
CA LEU A 38 11.26 -17.05 1.01
C LEU A 38 11.08 -17.33 2.49
N LEU A 39 10.43 -18.44 2.82
CA LEU A 39 10.12 -18.82 4.18
C LEU A 39 10.43 -20.28 4.40
N GLY A 40 10.20 -20.75 5.63
CA GLY A 40 10.42 -22.15 5.95
C GLY A 40 11.01 -22.35 7.32
N ALA A 41 11.17 -23.61 7.75
CA ALA A 41 11.78 -23.90 9.03
C ALA A 41 13.29 -23.67 8.96
N GLY A 42 13.97 -23.93 10.07
CA GLY A 42 15.39 -23.72 10.16
C GLY A 42 16.20 -24.54 9.18
N GLU A 43 16.21 -25.87 9.38
CA GLU A 43 16.91 -26.78 8.48
C GLU A 43 15.90 -27.43 7.53
N SER A 44 15.39 -26.60 6.61
CA SER A 44 14.35 -27.01 5.69
C SER A 44 14.78 -26.89 4.23
N GLY A 45 16.08 -26.81 3.97
CA GLY A 45 16.57 -26.73 2.61
C GLY A 45 16.45 -25.38 1.96
N LYS A 46 16.20 -24.34 2.76
CA LYS A 46 16.04 -22.95 2.23
C LYS A 46 17.32 -22.54 1.49
N SER A 47 18.48 -22.68 2.14
CA SER A 47 19.77 -22.25 1.54
C SER A 47 20.02 -23.01 0.23
N THR A 48 19.69 -24.31 0.19
CA THR A 48 19.91 -25.13 -1.03
C THR A 48 19.13 -24.52 -2.19
N ILE A 49 17.85 -24.17 -1.98
CA ILE A 49 17.00 -23.56 -3.04
C ILE A 49 17.61 -22.22 -3.47
N VAL A 50 18.04 -21.40 -2.50
CA VAL A 50 18.66 -20.08 -2.82
C VAL A 50 19.89 -20.31 -3.70
N LYS A 51 20.79 -21.21 -3.27
CA LYS A 51 22.04 -21.47 -4.04
C LYS A 51 21.69 -21.93 -5.45
N GLN A 52 20.74 -22.86 -5.59
CA GLN A 52 20.37 -23.40 -6.92
C GLN A 52 19.84 -22.27 -7.82
N MET A 53 19.00 -21.39 -7.26
CA MET A 53 18.40 -20.28 -8.07
C MET A 53 19.49 -19.28 -8.48
N LYS A 54 20.56 -19.14 -7.69
CA LYS A 54 21.61 -18.13 -7.98
C LYS A 54 22.85 -18.79 -8.59
N ILE A 55 22.78 -20.09 -8.93
CA ILE A 55 23.97 -20.82 -9.46
C ILE A 55 24.46 -20.13 -10.75
N ILE A 56 23.55 -19.78 -11.66
CA ILE A 56 23.96 -19.19 -12.97
C ILE A 56 23.86 -17.66 -12.89
N HIS A 57 22.87 -17.13 -12.19
CA HIS A 57 22.67 -15.65 -12.15
C HIS A 57 22.75 -15.14 -10.71
N GLU A 58 23.73 -14.28 -10.42
CA GLU A 58 23.87 -13.69 -9.06
C GLU A 58 23.98 -12.17 -9.17
N ALA A 59 23.38 -11.42 -8.24
CA ALA A 59 23.42 -9.93 -8.27
C ALA A 59 23.05 -9.43 -9.66
N GLY A 60 21.95 -9.93 -10.23
CA GLY A 60 21.53 -9.54 -11.59
C GLY A 60 21.67 -10.69 -12.56
N THR A 177 32.99 -0.43 2.91
CA THR A 177 33.08 -1.64 3.73
C THR A 177 31.74 -1.97 4.35
N ARG A 178 30.88 -2.65 3.59
CA ARG A 178 29.57 -3.02 4.10
C ARG A 178 29.68 -4.03 5.23
N VAL A 179 28.76 -3.94 6.18
CA VAL A 179 28.77 -4.82 7.35
C VAL A 179 27.80 -5.97 7.10
N LYS A 180 28.17 -7.16 7.56
CA LYS A 180 27.29 -8.31 7.47
C LYS A 180 25.99 -8.04 8.21
N THR A 181 24.87 -8.32 7.54
CA THR A 181 23.55 -8.00 8.10
C THR A 181 22.98 -9.16 8.90
N THR A 182 22.79 -10.31 8.26
CA THR A 182 22.24 -11.53 8.86
C THR A 182 20.79 -11.33 9.29
N GLY A 183 20.25 -10.13 9.11
CA GLY A 183 18.86 -9.87 9.40
C GLY A 183 17.96 -10.30 8.27
N ILE A 184 18.16 -9.72 7.10
CA ILE A 184 17.45 -10.09 5.88
C ILE A 184 18.47 -10.20 4.76
N VAL A 185 18.33 -11.23 3.93
CA VAL A 185 19.26 -11.50 2.83
C VAL A 185 18.50 -11.40 1.52
N GLU A 186 19.01 -10.58 0.60
CA GLU A 186 18.39 -10.37 -0.70
C GLU A 186 19.18 -11.11 -1.77
N THR A 187 18.48 -11.90 -2.58
CA THR A 187 19.06 -12.61 -3.71
C THR A 187 18.46 -12.05 -4.98
N HIS A 188 19.32 -11.58 -5.89
CA HIS A 188 18.89 -10.91 -7.11
C HIS A 188 19.33 -11.76 -8.29
N PHE A 189 18.37 -12.38 -8.97
CA PHE A 189 18.68 -13.25 -10.09
C PHE A 189 17.66 -13.02 -11.21
N THR A 190 18.09 -13.24 -12.44
CA THR A 190 17.24 -13.03 -13.62
C THR A 190 17.11 -14.32 -14.41
N PHE A 191 15.91 -14.57 -14.90
CA PHE A 191 15.63 -15.76 -15.71
C PHE A 191 14.66 -15.39 -16.82
N LYS A 192 15.01 -15.74 -18.05
CA LYS A 192 14.18 -15.49 -19.22
C LYS A 192 13.79 -14.02 -19.33
N ASP A 193 14.78 -13.15 -19.14
CA ASP A 193 14.60 -11.70 -19.24
C ASP A 193 13.60 -11.17 -18.21
N LEU A 194 13.50 -11.83 -17.07
CA LEU A 194 12.65 -11.39 -15.97
C LEU A 194 13.50 -11.23 -14.73
N HIS A 195 13.34 -10.12 -14.03
CA HIS A 195 14.14 -9.80 -12.85
C HIS A 195 13.41 -10.28 -11.59
N PHE A 196 14.10 -11.06 -10.77
CA PHE A 196 13.55 -11.60 -9.53
C PHE A 196 14.35 -11.08 -8.35
N LYS A 197 13.67 -10.89 -7.22
CA LYS A 197 14.32 -10.61 -5.95
C LYS A 197 13.70 -11.52 -4.89
N MET A 198 14.55 -12.23 -4.16
CA MET A 198 14.13 -13.12 -3.09
C MET A 198 14.63 -12.58 -1.76
N PHE A 199 13.73 -12.48 -0.78
CA PHE A 199 14.06 -12.01 0.55
C PHE A 199 13.98 -13.16 1.53
N ASP A 200 15.11 -13.46 2.18
CA ASP A 200 15.20 -14.54 3.14
C ASP A 200 15.17 -13.94 4.54
N VAL A 201 14.16 -14.31 5.32
CA VAL A 201 14.00 -13.76 6.67
C VAL A 201 14.19 -14.88 7.69
N GLY A 202 15.01 -15.88 7.33
CA GLY A 202 15.28 -16.97 8.25
C GLY A 202 16.02 -16.52 9.49
N GLY A 203 16.92 -15.54 9.34
CA GLY A 203 17.71 -15.05 10.45
C GLY A 203 17.03 -14.05 11.35
N GLN A 204 15.76 -13.74 11.07
CA GLN A 204 15.00 -12.77 11.87
C GLN A 204 14.36 -13.52 13.04
N ARG A 205 15.00 -13.44 14.21
CA ARG A 205 14.49 -14.08 15.42
C ARG A 205 13.72 -13.04 16.22
N SER A 206 12.44 -12.91 15.93
CA SER A 206 11.56 -11.97 16.61
C SER A 206 10.12 -12.38 16.27
N GLU A 207 9.15 -11.58 16.71
CA GLU A 207 7.76 -11.86 16.42
C GLU A 207 7.45 -11.47 14.99
N ARG A 208 6.93 -12.42 14.21
CA ARG A 208 6.57 -12.14 12.82
C ARG A 208 5.44 -11.13 12.72
N LYS A 209 4.59 -11.02 13.75
CA LYS A 209 3.45 -10.13 13.69
C LYS A 209 3.85 -8.67 13.55
N LYS A 210 5.07 -8.30 13.96
CA LYS A 210 5.49 -6.91 13.95
C LYS A 210 6.11 -6.47 12.64
N TRP A 211 6.52 -7.39 11.76
CA TRP A 211 7.13 -6.99 10.51
C TRP A 211 6.65 -7.76 9.29
N ILE A 212 5.70 -8.68 9.43
CA ILE A 212 5.26 -9.46 8.27
C ILE A 212 4.47 -8.58 7.30
N HIS A 213 3.91 -7.46 7.79
CA HIS A 213 3.14 -6.58 6.92
C HIS A 213 4.04 -5.78 5.98
N CYS A 214 5.34 -5.73 6.26
CA CYS A 214 6.27 -5.04 5.36
C CYS A 214 6.36 -5.73 4.01
N PHE A 215 6.03 -7.02 3.93
CA PHE A 215 6.13 -7.79 2.71
C PHE A 215 4.80 -7.91 1.98
N GLU A 216 3.78 -7.17 2.40
CA GLU A 216 2.53 -7.15 1.65
C GLU A 216 2.77 -6.59 0.26
N GLY A 217 2.24 -7.28 -0.75
CA GLY A 217 2.39 -6.87 -2.13
C GLY A 217 3.43 -7.65 -2.91
N VAL A 218 4.07 -8.66 -2.30
CA VAL A 218 4.98 -9.50 -3.06
C VAL A 218 4.17 -10.34 -4.04
N THR A 219 4.81 -10.67 -5.18
CA THR A 219 4.11 -11.41 -6.22
C THR A 219 3.74 -12.81 -5.74
N ALA A 220 4.65 -13.48 -5.03
CA ALA A 220 4.40 -14.83 -4.56
C ALA A 220 5.29 -15.10 -3.36
N ILE A 221 4.96 -16.19 -2.65
CA ILE A 221 5.71 -16.62 -1.47
C ILE A 221 6.30 -17.99 -1.77
N ILE A 222 7.61 -18.12 -1.62
CA ILE A 222 8.30 -19.38 -1.84
C ILE A 222 8.46 -20.06 -0.49
N PHE A 223 7.61 -21.05 -0.20
CA PHE A 223 7.66 -21.77 1.05
C PHE A 223 8.46 -23.06 0.85
N CYS A 224 9.43 -23.29 1.73
CA CYS A 224 10.31 -24.45 1.65
C CYS A 224 10.10 -25.32 2.88
N VAL A 225 9.82 -26.60 2.66
CA VAL A 225 9.66 -27.57 3.74
C VAL A 225 10.37 -28.85 3.35
N ALA A 226 11.02 -29.48 4.32
CA ALA A 226 11.77 -30.71 4.08
C ALA A 226 10.88 -31.91 4.32
N LEU A 227 10.90 -32.86 3.38
CA LEU A 227 10.13 -34.08 3.55
C LEU A 227 10.78 -35.06 4.52
N SER A 228 12.07 -34.93 4.77
CA SER A 228 12.83 -35.91 5.53
C SER A 228 12.83 -35.65 7.03
N ASP A 229 12.18 -34.58 7.49
CA ASP A 229 12.18 -34.25 8.91
C ASP A 229 10.89 -34.65 9.61
N TYR A 230 10.05 -35.46 8.97
CA TYR A 230 8.84 -35.94 9.63
C TYR A 230 9.18 -36.84 10.81
N ASP A 231 10.22 -37.66 10.67
CA ASP A 231 10.64 -38.50 11.79
C ASP A 231 11.31 -37.70 12.89
N LEU A 232 12.06 -36.66 12.52
CA LEU A 232 12.81 -35.88 13.50
C LEU A 232 11.88 -35.04 14.36
N VAL A 233 12.41 -34.55 15.47
CA VAL A 233 11.68 -33.71 16.41
C VAL A 233 12.51 -32.48 16.73
N LEU A 234 11.82 -31.42 17.17
CA LEU A 234 12.49 -30.18 17.49
C LEU A 234 13.36 -30.33 18.73
N ALA A 235 14.40 -29.50 18.82
CA ALA A 235 15.28 -29.52 19.99
C ALA A 235 14.64 -28.85 21.20
N GLU A 236 13.63 -28.00 20.99
CA GLU A 236 12.97 -27.35 22.11
C GLU A 236 12.26 -28.35 23.02
N ASP A 237 11.57 -29.32 22.42
CA ASP A 237 10.90 -30.37 23.19
C ASP A 237 10.74 -31.60 22.32
N GLU A 238 10.78 -32.76 22.97
CA GLU A 238 10.71 -34.02 22.23
C GLU A 238 9.34 -34.23 21.58
N GLU A 239 8.27 -33.84 22.28
CA GLU A 239 6.91 -34.11 21.82
C GLU A 239 6.41 -32.99 20.91
N MET A 240 7.18 -32.72 19.85
CA MET A 240 6.80 -31.72 18.86
C MET A 240 7.50 -32.09 17.55
N ASN A 241 6.74 -32.63 16.61
CA ASN A 241 7.28 -33.00 15.32
C ASN A 241 7.69 -31.76 14.54
N ARG A 242 8.83 -31.86 13.83
CA ARG A 242 9.28 -30.75 13.00
C ARG A 242 8.31 -30.49 11.85
N MET A 243 7.78 -31.55 11.25
CA MET A 243 6.82 -31.38 10.17
C MET A 243 5.54 -30.72 10.66
N HIS A 244 5.13 -31.01 11.90
CA HIS A 244 3.97 -30.33 12.46
C HIS A 244 4.26 -28.84 12.65
N GLU A 245 5.49 -28.50 13.06
CA GLU A 245 5.87 -27.10 13.14
C GLU A 245 5.81 -26.43 11.78
N SER A 246 6.28 -27.13 10.74
CA SER A 246 6.20 -26.58 9.40
C SER A 246 4.76 -26.39 8.95
N MET A 247 3.89 -27.34 9.29
CA MET A 247 2.48 -27.22 8.92
C MET A 247 1.84 -26.04 9.64
N LYS A 248 2.16 -25.84 10.92
CA LYS A 248 1.62 -24.70 11.64
C LYS A 248 2.11 -23.38 11.05
N LEU A 249 3.39 -23.32 10.68
CA LEU A 249 3.91 -22.12 10.04
C LEU A 249 3.22 -21.86 8.71
N PHE A 250 3.00 -22.91 7.92
CA PHE A 250 2.32 -22.75 6.64
C PHE A 250 0.89 -22.27 6.83
N ASP A 251 0.18 -22.82 7.82
CA ASP A 251 -1.17 -22.37 8.11
C ASP A 251 -1.18 -20.91 8.54
N SER A 252 -0.22 -20.52 9.38
CA SER A 252 -0.16 -19.14 9.85
C SER A 252 0.12 -18.17 8.71
N ILE A 253 1.02 -18.55 7.80
CA ILE A 253 1.44 -17.60 6.77
C ILE A 253 0.49 -17.61 5.58
N CYS A 254 -0.27 -18.69 5.38
CA CYS A 254 -1.19 -18.78 4.26
C CYS A 254 -2.51 -18.06 4.51
N ASN A 255 -2.81 -17.72 5.76
CA ASN A 255 -4.10 -17.13 6.11
C ASN A 255 -3.97 -15.80 6.83
N ASN A 256 -2.84 -15.10 6.68
CA ASN A 256 -2.73 -13.76 7.23
C ASN A 256 -3.66 -12.80 6.52
N LYS A 257 -4.04 -11.73 7.22
CA LYS A 257 -4.87 -10.71 6.60
C LYS A 257 -4.14 -9.95 5.50
N TRP A 258 -2.81 -10.09 5.42
CA TRP A 258 -2.03 -9.38 4.42
C TRP A 258 -1.82 -10.19 3.15
N PHE A 259 -1.68 -11.52 3.26
CA PHE A 259 -1.40 -12.39 2.13
C PHE A 259 -2.65 -13.09 1.61
N THR A 260 -3.79 -12.40 1.63
CA THR A 260 -5.02 -13.03 1.19
C THR A 260 -5.04 -13.23 -0.33
N ASP A 261 -4.38 -12.33 -1.07
CA ASP A 261 -4.35 -12.39 -2.53
C ASP A 261 -3.05 -12.98 -3.07
N THR A 262 -2.13 -13.37 -2.20
CA THR A 262 -0.79 -13.77 -2.63
C THR A 262 -0.71 -15.28 -2.79
N SER A 263 -0.26 -15.73 -3.95
CA SER A 263 -0.08 -17.15 -4.22
C SER A 263 1.16 -17.67 -3.49
N ILE A 264 1.19 -18.98 -3.28
CA ILE A 264 2.26 -19.63 -2.55
C ILE A 264 2.88 -20.71 -3.44
N ILE A 265 4.21 -20.70 -3.52
CA ILE A 265 4.96 -21.72 -4.25
C ILE A 265 5.60 -22.64 -3.22
N LEU A 266 5.18 -23.89 -3.20
CA LEU A 266 5.60 -24.85 -2.18
C LEU A 266 6.69 -25.76 -2.75
N PHE A 267 7.82 -25.82 -2.07
CA PHE A 267 8.93 -26.68 -2.44
C PHE A 267 9.09 -27.77 -1.39
N LEU A 268 9.10 -29.02 -1.83
CA LEU A 268 9.30 -30.16 -0.94
C LEU A 268 10.70 -30.71 -1.20
N ASN A 269 11.65 -30.36 -0.33
CA ASN A 269 13.04 -30.70 -0.52
C ASN A 269 13.36 -32.08 0.03
N LYS A 270 14.55 -32.57 -0.32
CA LYS A 270 15.10 -33.82 0.22
C LYS A 270 14.19 -35.01 -0.10
N LYS A 271 13.91 -35.21 -1.38
CA LYS A 271 13.07 -36.34 -1.79
C LYS A 271 13.79 -37.67 -1.59
N ASP A 272 15.10 -37.71 -1.86
CA ASP A 272 15.83 -38.98 -1.76
C ASP A 272 15.95 -39.42 -0.31
N LEU A 273 16.28 -38.50 0.60
CA LEU A 273 16.36 -38.84 2.00
C LEU A 273 15.00 -39.29 2.53
N PHE A 274 13.94 -38.63 2.08
CA PHE A 274 12.60 -39.04 2.48
C PHE A 274 12.27 -40.45 1.99
N GLU A 275 12.67 -40.76 0.75
CA GLU A 275 12.43 -42.09 0.21
C GLU A 275 13.18 -43.15 1.02
N GLU A 276 14.44 -42.88 1.35
CA GLU A 276 15.20 -43.83 2.16
C GLU A 276 14.58 -43.99 3.55
N LYS A 277 14.15 -42.88 4.16
CA LYS A 277 13.56 -42.95 5.48
C LYS A 277 12.27 -43.76 5.48
N ILE A 278 11.40 -43.54 4.49
CA ILE A 278 10.15 -44.30 4.46
C ILE A 278 10.43 -45.76 4.09
N LYS A 279 11.54 -46.02 3.39
CA LYS A 279 11.97 -47.40 3.24
C LYS A 279 12.33 -48.03 4.57
N LYS A 280 12.97 -47.26 5.45
CA LYS A 280 13.35 -47.77 6.76
C LYS A 280 12.27 -47.55 7.82
N SER A 281 11.77 -46.32 7.97
CA SER A 281 10.82 -45.98 9.02
C SER A 281 9.45 -45.65 8.44
N PRO A 282 8.37 -46.02 9.12
CA PRO A 282 7.03 -45.77 8.57
C PRO A 282 6.58 -44.33 8.82
N LEU A 283 5.58 -43.92 8.03
CA LEU A 283 5.02 -42.58 8.09
C LEU A 283 3.92 -42.44 9.13
N THR A 284 3.52 -43.54 9.79
CA THR A 284 2.40 -43.46 10.73
C THR A 284 2.75 -42.62 11.95
N ILE A 285 4.04 -42.44 12.25
CA ILE A 285 4.43 -41.67 13.42
C ILE A 285 4.10 -40.19 13.25
N CYS A 286 4.33 -39.65 12.05
CA CYS A 286 4.03 -38.24 11.81
C CYS A 286 2.54 -38.02 11.61
N TYR A 287 1.86 -38.95 10.92
CA TYR A 287 0.43 -38.84 10.64
C TYR A 287 -0.25 -40.12 11.08
N PRO A 288 -0.71 -40.18 12.34
CA PRO A 288 -1.36 -41.41 12.81
C PRO A 288 -2.61 -41.79 12.02
N GLU A 289 -3.36 -40.80 11.52
CA GLU A 289 -4.57 -41.09 10.76
C GLU A 289 -4.27 -41.69 9.39
N TYR A 290 -3.02 -41.62 8.93
CA TYR A 290 -2.67 -42.13 7.61
C TYR A 290 -2.77 -43.65 7.58
N ALA A 291 -3.26 -44.17 6.45
CA ALA A 291 -3.42 -45.61 6.26
C ALA A 291 -3.22 -45.91 4.79
N GLY A 292 -2.01 -46.35 4.43
CA GLY A 292 -1.71 -46.66 3.04
C GLY A 292 -0.34 -47.32 2.94
N SER A 293 -0.06 -47.82 1.75
CA SER A 293 1.21 -48.49 1.51
C SER A 293 2.36 -47.51 1.62
N ASN A 294 3.49 -48.00 2.14
CA ASN A 294 4.68 -47.19 2.33
C ASN A 294 5.47 -47.17 1.03
N THR A 295 5.22 -46.16 0.20
CA THR A 295 5.89 -46.00 -1.08
C THR A 295 6.11 -44.51 -1.30
N TYR A 296 7.15 -44.19 -2.07
CA TYR A 296 7.50 -42.78 -2.26
C TYR A 296 6.37 -41.99 -2.91
N GLU A 297 5.73 -42.56 -3.93
CA GLU A 297 4.69 -41.84 -4.65
C GLU A 297 3.50 -41.55 -3.73
N GLU A 298 2.98 -42.58 -3.07
CA GLU A 298 1.79 -42.40 -2.24
C GLU A 298 2.07 -41.49 -1.05
N ALA A 299 3.20 -41.68 -0.38
CA ALA A 299 3.54 -40.84 0.76
C ALA A 299 3.74 -39.39 0.34
N ALA A 300 4.44 -39.17 -0.78
CA ALA A 300 4.64 -37.81 -1.26
C ALA A 300 3.31 -37.15 -1.61
N ALA A 301 2.41 -37.90 -2.26
CA ALA A 301 1.09 -37.34 -2.58
C ALA A 301 0.32 -37.01 -1.30
N TYR A 302 0.41 -37.87 -0.29
CA TYR A 302 -0.28 -37.59 0.97
C TYR A 302 0.26 -36.32 1.62
N ILE A 303 1.58 -36.17 1.65
CA ILE A 303 2.16 -34.97 2.26
C ILE A 303 1.74 -33.73 1.48
N GLN A 304 1.77 -33.80 0.15
CA GLN A 304 1.39 -32.66 -0.66
C GLN A 304 -0.07 -32.27 -0.43
N CYS A 305 -0.97 -33.24 -0.39
CA CYS A 305 -2.38 -32.91 -0.20
C CYS A 305 -2.64 -32.40 1.22
N GLN A 306 -1.89 -32.92 2.20
CA GLN A 306 -2.04 -32.42 3.56
C GLN A 306 -1.62 -30.96 3.66
N PHE A 307 -0.53 -30.58 2.99
CA PHE A 307 -0.15 -29.17 2.97
C PHE A 307 -1.15 -28.32 2.19
N GLU A 308 -1.69 -28.86 1.09
CA GLU A 308 -2.61 -28.06 0.29
C GLU A 308 -3.98 -27.90 0.95
N ASP A 309 -4.37 -28.80 1.85
CA ASP A 309 -5.66 -28.67 2.51
C ASP A 309 -5.70 -27.55 3.54
N LEU A 310 -4.57 -26.94 3.88
CA LEU A 310 -4.56 -25.84 4.83
C LEU A 310 -4.88 -24.50 4.19
N ASN A 311 -5.10 -24.46 2.88
CA ASN A 311 -5.42 -23.23 2.17
C ASN A 311 -6.91 -22.94 2.36
N LYS A 312 -7.22 -22.00 3.26
CA LYS A 312 -8.62 -21.64 3.48
C LYS A 312 -9.16 -20.79 2.34
N ARG A 313 -8.35 -19.90 1.79
CA ARG A 313 -8.78 -19.01 0.72
C ARG A 313 -8.60 -19.71 -0.63
N LYS A 314 -9.47 -20.69 -0.88
CA LYS A 314 -9.37 -21.49 -2.09
C LYS A 314 -9.64 -20.65 -3.33
N ASP A 315 -10.62 -19.75 -3.26
CA ASP A 315 -11.05 -19.03 -4.46
C ASP A 315 -10.06 -17.96 -4.87
N THR A 316 -9.36 -17.36 -3.89
CA THR A 316 -8.50 -16.22 -4.19
C THR A 316 -7.07 -16.59 -4.52
N LYS A 317 -6.49 -17.54 -3.79
CA LYS A 317 -5.08 -17.88 -3.97
C LYS A 317 -4.96 -19.33 -4.39
N GLU A 318 -3.81 -19.66 -5.00
CA GLU A 318 -3.53 -21.00 -5.48
C GLU A 318 -2.13 -21.39 -5.04
N ILE A 319 -1.94 -22.68 -4.82
CA ILE A 319 -0.68 -23.24 -4.32
C ILE A 319 -0.07 -24.11 -5.40
N TYR A 320 1.17 -23.79 -5.79
CA TYR A 320 1.91 -24.58 -6.76
C TYR A 320 2.94 -25.43 -6.01
N THR A 321 2.84 -26.75 -6.15
CA THR A 321 3.71 -27.68 -5.44
C THR A 321 4.70 -28.30 -6.42
N HIS A 322 5.98 -28.29 -6.05
CA HIS A 322 7.02 -28.91 -6.84
C HIS A 322 7.96 -29.68 -5.93
N PHE A 323 8.47 -30.80 -6.42
CA PHE A 323 9.44 -31.61 -5.70
C PHE A 323 10.83 -31.25 -6.20
N THR A 324 11.68 -30.76 -5.28
CA THR A 324 12.99 -30.28 -5.67
C THR A 324 13.84 -31.41 -6.26
N CYS A 325 14.46 -31.14 -7.40
CA CYS A 325 15.21 -32.13 -8.14
C CYS A 325 16.64 -31.64 -8.37
N ALA A 326 17.53 -32.60 -8.64
CA ALA A 326 18.95 -32.28 -8.78
C ALA A 326 19.27 -31.53 -10.06
N THR A 327 18.34 -31.49 -11.03
CA THR A 327 18.60 -30.77 -12.27
C THR A 327 18.78 -29.28 -11.99
N ASP A 328 19.66 -28.65 -12.76
CA ASP A 328 20.10 -27.29 -12.42
C ASP A 328 19.00 -26.26 -12.64
N THR A 329 18.24 -26.37 -13.73
CA THR A 329 17.33 -25.31 -14.12
C THR A 329 15.86 -25.62 -13.90
N LYS A 330 15.50 -26.84 -13.50
CA LYS A 330 14.09 -27.21 -13.42
C LYS A 330 13.36 -26.40 -12.34
N ASN A 331 14.01 -26.20 -11.19
CA ASN A 331 13.33 -25.48 -10.11
C ASN A 331 13.09 -24.02 -10.46
N VAL A 332 14.10 -23.35 -11.02
CA VAL A 332 13.91 -21.95 -11.41
C VAL A 332 12.92 -21.86 -12.57
N GLN A 333 12.89 -22.88 -13.44
CA GLN A 333 11.88 -22.91 -14.50
C GLN A 333 10.48 -23.00 -13.92
N PHE A 334 10.31 -23.84 -12.89
CA PHE A 334 9.00 -23.95 -12.24
C PHE A 334 8.62 -22.64 -11.58
N VAL A 335 9.57 -21.97 -10.94
CA VAL A 335 9.29 -20.68 -10.31
C VAL A 335 8.87 -19.67 -11.37
N PHE A 336 9.57 -19.65 -12.51
CA PHE A 336 9.22 -18.73 -13.59
C PHE A 336 7.82 -19.02 -14.12
N ASP A 337 7.49 -20.29 -14.31
CA ASP A 337 6.15 -20.65 -14.78
C ASP A 337 5.08 -20.22 -13.79
N ALA A 338 5.32 -20.43 -12.49
CA ALA A 338 4.35 -20.03 -11.49
C ALA A 338 4.16 -18.52 -11.46
N VAL A 339 5.26 -17.76 -11.55
CA VAL A 339 5.16 -16.31 -11.53
C VAL A 339 4.41 -15.80 -12.76
N THR A 340 4.73 -16.35 -13.94
CA THR A 340 4.02 -15.92 -15.14
C THR A 340 2.53 -16.27 -15.07
N ASP A 341 2.21 -17.45 -14.53
CA ASP A 341 0.81 -17.82 -14.36
C ASP A 341 0.10 -16.87 -13.41
N VAL A 342 0.76 -16.48 -12.32
CA VAL A 342 0.17 -15.54 -11.37
C VAL A 342 -0.08 -14.20 -12.03
N ILE A 343 0.89 -13.70 -12.80
CA ILE A 343 0.73 -12.42 -13.48
C ILE A 343 -0.42 -12.48 -14.48
N ILE A 344 -0.49 -13.55 -15.26
CA ILE A 344 -1.54 -13.67 -16.26
C ILE A 344 -2.92 -13.75 -15.61
N LYS A 345 -3.02 -14.50 -14.51
CA LYS A 345 -4.31 -14.62 -13.82
C LYS A 345 -4.72 -13.30 -13.18
N ASN A 346 -3.74 -12.55 -12.65
CA ASN A 346 -4.06 -11.23 -12.13
C ASN A 346 -4.56 -10.29 -13.22
N ASN A 347 -3.92 -10.35 -14.39
CA ASN A 347 -4.39 -9.53 -15.51
C ASN A 347 -5.80 -9.93 -15.95
N LEU A 348 -6.07 -11.23 -15.98
CA LEU A 348 -7.41 -11.69 -16.33
C LEU A 348 -8.44 -11.23 -15.31
N LYS A 349 -8.10 -11.28 -14.02
CA LYS A 349 -9.02 -10.79 -13.00
C LYS A 349 -9.27 -9.29 -13.16
N ASP A 350 -8.22 -8.52 -13.46
CA ASP A 350 -8.40 -7.09 -13.67
C ASP A 350 -9.29 -6.82 -14.88
N CYS A 351 -9.10 -7.59 -15.95
CA CYS A 351 -9.94 -7.47 -17.14
C CYS A 351 -11.36 -7.96 -16.91
N GLY A 352 -11.60 -8.78 -15.88
CA GLY A 352 -12.92 -9.27 -15.60
C GLY A 352 -13.26 -10.61 -16.19
N LEU A 353 -12.27 -11.37 -16.67
CA LEU A 353 -12.50 -12.67 -17.28
C LEU A 353 -12.09 -13.83 -16.39
N PHE A 354 -11.86 -13.60 -15.11
CA PHE A 354 -11.41 -14.67 -14.22
C PHE A 354 -12.03 -14.53 -12.84
N ASP B 23 13.29 -22.37 40.95
CA ASP B 23 13.60 -22.49 42.37
C ASP B 23 12.49 -21.87 43.22
N GLN B 24 12.84 -21.48 44.45
CA GLN B 24 11.90 -20.85 45.36
C GLN B 24 11.92 -19.33 45.27
N LEU B 25 12.69 -18.76 44.33
CA LEU B 25 12.77 -17.31 44.22
C LEU B 25 11.47 -16.71 43.68
N ARG B 26 10.62 -17.53 43.05
CA ARG B 26 9.35 -17.04 42.56
C ARG B 26 8.44 -16.59 43.70
N GLN B 27 8.55 -17.22 44.87
CA GLN B 27 7.74 -16.82 46.01
C GLN B 27 8.08 -15.40 46.46
N GLU B 28 9.36 -15.11 46.66
CA GLU B 28 9.74 -13.75 47.03
C GLU B 28 9.52 -12.77 45.89
N ALA B 29 9.62 -13.22 44.63
CA ALA B 29 9.32 -12.34 43.51
C ALA B 29 7.86 -11.89 43.53
N GLU B 30 6.93 -12.83 43.72
CA GLU B 30 5.53 -12.46 43.76
C GLU B 30 5.20 -11.69 45.03
N GLN B 31 5.91 -11.97 46.13
CA GLN B 31 5.74 -11.17 47.34
C GLN B 31 6.15 -9.73 47.10
N LEU B 32 7.28 -9.51 46.40
CA LEU B 32 7.71 -8.15 46.09
C LEU B 32 6.74 -7.48 45.13
N LYS B 33 6.19 -8.23 44.17
CA LYS B 33 5.18 -7.67 43.29
C LYS B 33 3.96 -7.21 44.07
N ASN B 34 3.50 -8.04 45.02
CA ASN B 34 2.35 -7.65 45.85
C ASN B 34 2.67 -6.43 46.71
N GLN B 35 3.89 -6.37 47.26
CA GLN B 35 4.28 -5.22 48.06
C GLN B 35 4.30 -3.94 47.23
N ILE B 36 4.83 -4.02 45.99
CA ILE B 36 4.85 -2.87 45.11
C ILE B 36 3.44 -2.43 44.76
N ARG B 37 2.56 -3.39 44.46
CA ARG B 37 1.18 -3.04 44.15
C ARG B 37 0.49 -2.38 45.33
N ASP B 38 0.73 -2.90 46.54
CA ASP B 38 0.12 -2.31 47.73
C ASP B 38 0.63 -0.89 47.96
N ALA B 39 1.93 -0.66 47.78
CA ALA B 39 2.48 0.68 47.94
C ALA B 39 1.89 1.64 46.90
N ARG B 40 1.76 1.19 45.65
CA ARG B 40 1.18 2.04 44.61
C ARG B 40 -0.28 2.37 44.93
N LYS B 41 -1.03 1.39 45.40
CA LYS B 41 -2.43 1.64 45.75
C LYS B 41 -2.53 2.60 46.93
N ALA B 42 -1.63 2.47 47.90
CA ALA B 42 -1.63 3.37 49.05
C ALA B 42 -1.31 4.80 48.62
N CYS B 43 -0.36 4.97 47.70
CA CYS B 43 0.01 6.30 47.26
C CYS B 43 -1.06 6.95 46.38
N ALA B 44 -2.06 6.19 45.93
CA ALA B 44 -3.11 6.72 45.08
C ALA B 44 -4.32 7.07 45.95
N ASP B 45 -4.60 8.36 46.07
CA ASP B 45 -5.74 8.84 46.85
C ASP B 45 -6.88 9.39 45.97
N ALA B 46 -6.55 10.24 45.01
CA ALA B 46 -7.54 10.83 44.13
C ALA B 46 -7.08 10.73 42.68
N THR B 47 -7.98 10.32 41.80
CA THR B 47 -7.65 10.16 40.40
C THR B 47 -7.43 11.51 39.73
N LEU B 48 -6.76 11.48 38.58
CA LEU B 48 -6.51 12.72 37.84
C LEU B 48 -7.80 13.32 37.31
N SER B 49 -8.82 12.49 37.07
CA SER B 49 -10.10 13.02 36.62
C SER B 49 -10.74 13.92 37.67
N GLN B 50 -10.65 13.52 38.94
CA GLN B 50 -11.25 14.32 40.01
C GLN B 50 -10.57 15.68 40.14
N ILE B 51 -9.24 15.72 40.03
CA ILE B 51 -8.52 16.96 40.22
C ILE B 51 -8.87 17.96 39.13
N THR B 52 -8.91 17.50 37.87
CA THR B 52 -9.14 18.38 36.73
C THR B 52 -10.62 18.48 36.37
N ASN B 53 -11.53 18.27 37.32
CA ASN B 53 -12.95 18.37 37.02
C ASN B 53 -13.37 19.82 36.80
N ASN B 54 -12.75 20.75 37.52
CA ASN B 54 -13.12 22.16 37.44
C ASN B 54 -12.52 22.87 36.24
N ILE B 55 -11.53 22.28 35.57
CA ILE B 55 -10.92 22.90 34.40
C ILE B 55 -11.93 22.91 33.26
N ASP B 56 -12.09 24.06 32.62
CA ASP B 56 -13.03 24.16 31.51
C ASP B 56 -12.51 23.36 30.30
N PRO B 57 -13.41 22.82 29.48
CA PRO B 57 -12.97 22.01 28.34
C PRO B 57 -12.15 22.83 27.35
N VAL B 58 -11.24 22.15 26.65
CA VAL B 58 -10.43 22.82 25.64
C VAL B 58 -11.31 23.23 24.46
N GLY B 59 -12.39 22.50 24.22
CA GLY B 59 -13.29 22.78 23.11
C GLY B 59 -12.90 22.04 21.85
N ARG B 60 -13.75 22.15 20.84
CA ARG B 60 -13.51 21.50 19.57
C ARG B 60 -12.26 22.06 18.92
N ILE B 61 -11.39 21.17 18.43
CA ILE B 61 -10.15 21.54 17.76
C ILE B 61 -10.32 21.19 16.29
N GLN B 62 -10.23 22.20 15.43
CA GLN B 62 -10.41 22.03 14.00
C GLN B 62 -9.09 22.35 13.31
N MET B 63 -8.49 21.35 12.68
CA MET B 63 -7.24 21.49 11.96
C MET B 63 -7.46 21.18 10.49
N ARG B 64 -6.85 21.98 9.62
CA ARG B 64 -6.97 21.82 8.17
C ARG B 64 -5.59 21.55 7.59
N THR B 65 -5.51 20.61 6.67
CA THR B 65 -4.25 20.29 6.01
C THR B 65 -3.68 21.53 5.32
N ARG B 66 -2.41 21.82 5.60
CA ARG B 66 -1.75 22.99 5.04
C ARG B 66 -0.75 22.65 3.96
N ARG B 67 -0.02 21.54 4.09
CA ARG B 67 0.93 21.09 3.08
C ARG B 67 0.77 19.61 2.88
N THR B 68 0.89 19.15 1.64
CA THR B 68 0.88 17.73 1.31
C THR B 68 2.21 17.41 0.63
N LEU B 69 3.05 16.64 1.31
CA LEU B 69 4.39 16.33 0.81
C LEU B 69 4.30 15.04 -0.01
N ARG B 70 4.61 15.15 -1.31
CA ARG B 70 4.50 14.06 -2.24
C ARG B 70 5.87 13.68 -2.79
N GLY B 71 6.02 12.42 -3.16
CA GLY B 71 7.29 11.94 -3.69
C GLY B 71 7.65 10.53 -3.27
N HIS B 72 7.14 10.09 -2.13
CA HIS B 72 7.35 8.71 -1.71
C HIS B 72 6.48 7.78 -2.53
N LEU B 73 7.02 6.60 -2.86
CA LEU B 73 6.34 5.64 -3.73
C LEU B 73 5.96 4.36 -3.00
N ALA B 74 6.00 4.36 -1.67
CA ALA B 74 5.66 3.19 -0.89
C ALA B 74 5.22 3.64 0.51
N LYS B 75 4.94 2.66 1.37
CA LYS B 75 4.44 2.95 2.69
C LYS B 75 5.51 3.63 3.54
N ILE B 76 5.09 4.58 4.36
CA ILE B 76 5.99 5.32 5.24
C ILE B 76 5.84 4.80 6.67
N TYR B 77 6.96 4.47 7.30
CA TYR B 77 6.97 3.96 8.66
C TYR B 77 7.51 4.91 9.71
N ALA B 78 8.18 6.00 9.34
CA ALA B 78 8.72 6.87 10.38
C ALA B 78 8.93 8.27 9.83
N MET B 79 8.99 9.22 10.75
CA MET B 79 9.37 10.60 10.44
C MET B 79 9.91 11.25 11.69
N HIS B 80 10.61 12.36 11.52
CA HIS B 80 11.14 13.12 12.64
C HIS B 80 11.32 14.57 12.22
N TRP B 81 11.10 15.48 13.17
CA TRP B 81 11.22 16.91 12.92
C TRP B 81 12.60 17.39 13.35
N GLY B 82 13.13 18.36 12.62
CA GLY B 82 14.36 19.01 13.04
C GLY B 82 14.11 19.95 14.20
N THR B 83 15.21 20.32 14.87
CA THR B 83 15.09 21.27 15.98
C THR B 83 14.69 22.65 15.50
N ASP B 84 15.01 22.99 14.25
CA ASP B 84 14.57 24.27 13.69
C ASP B 84 13.09 24.26 13.29
N SER B 85 12.43 23.10 13.36
CA SER B 85 11.01 22.97 13.07
C SER B 85 10.65 23.41 11.65
N ARG B 86 11.56 23.20 10.70
CA ARG B 86 11.28 23.52 9.31
C ARG B 86 11.60 22.31 8.43
N LEU B 87 12.64 21.56 8.78
CA LEU B 87 13.08 20.41 8.01
C LEU B 87 12.67 19.14 8.73
N LEU B 88 12.11 18.19 7.98
CA LEU B 88 11.73 16.89 8.52
C LEU B 88 12.22 15.79 7.59
N VAL B 89 12.42 14.60 8.16
CA VAL B 89 12.93 13.44 7.45
C VAL B 89 11.85 12.35 7.51
N SER B 90 11.69 11.61 6.41
CA SER B 90 10.77 10.50 6.34
C SER B 90 11.46 9.29 5.73
N ALA B 91 11.04 8.10 6.16
CA ALA B 91 11.58 6.85 5.66
C ALA B 91 10.44 6.00 5.09
N SER B 92 10.71 5.37 3.95
CA SER B 92 9.70 4.57 3.28
C SER B 92 10.35 3.33 2.67
N GLN B 93 9.50 2.41 2.22
CA GLN B 93 9.95 1.10 1.75
C GLN B 93 10.65 1.15 0.40
N ASP B 94 10.61 2.27 -0.32
CA ASP B 94 11.32 2.37 -1.59
C ASP B 94 12.80 2.61 -1.41
N GLY B 95 13.33 2.46 -0.21
CA GLY B 95 14.75 2.66 0.04
C GLY B 95 15.18 4.11 -0.13
N LYS B 96 14.35 5.04 0.27
CA LYS B 96 14.64 6.47 0.15
C LYS B 96 14.43 7.15 1.48
N LEU B 97 15.32 8.09 1.80
CA LEU B 97 15.26 8.88 3.03
C LEU B 97 15.29 10.34 2.62
N ILE B 98 14.12 10.96 2.54
CA ILE B 98 13.96 12.29 1.96
C ILE B 98 13.96 13.33 3.07
N ILE B 99 14.73 14.40 2.87
CA ILE B 99 14.74 15.56 3.76
C ILE B 99 13.85 16.62 3.13
N TRP B 100 12.69 16.86 3.73
CA TRP B 100 11.74 17.82 3.20
C TRP B 100 11.98 19.21 3.78
N ASP B 101 11.37 20.20 3.15
CA ASP B 101 11.30 21.57 3.66
C ASP B 101 9.81 21.89 3.79
N SER B 102 9.29 21.73 5.01
CA SER B 102 7.85 21.79 5.21
C SER B 102 7.27 23.15 4.84
N TYR B 103 8.07 24.21 4.91
CA TYR B 103 7.56 25.54 4.56
C TYR B 103 7.19 25.63 3.09
N THR B 104 8.02 25.07 2.21
CA THR B 104 7.84 25.21 0.77
C THR B 104 7.69 23.88 0.05
N THR B 105 7.61 22.76 0.77
CA THR B 105 7.46 21.43 0.20
C THR B 105 8.55 21.13 -0.82
N ASN B 106 9.78 21.51 -0.48
CA ASN B 106 10.95 21.31 -1.34
C ASN B 106 11.78 20.16 -0.79
N LYS B 107 12.10 19.20 -1.65
CA LYS B 107 12.95 18.09 -1.26
C LYS B 107 14.41 18.53 -1.18
N VAL B 108 14.92 18.73 0.03
CA VAL B 108 16.30 19.18 0.17
C VAL B 108 17.27 18.05 -0.19
N HIS B 109 16.99 16.82 0.25
CA HIS B 109 17.87 15.69 0.02
C HIS B 109 17.03 14.45 -0.28
N ALA B 110 17.68 13.46 -0.89
CA ALA B 110 17.06 12.15 -1.14
C ALA B 110 18.16 11.11 -1.04
N ILE B 111 18.21 10.41 0.09
CA ILE B 111 19.29 9.47 0.41
C ILE B 111 18.84 8.07 0.02
N PRO B 112 19.52 7.40 -0.91
CA PRO B 112 19.17 6.01 -1.25
C PRO B 112 19.75 5.05 -0.23
N LEU B 113 18.89 4.27 0.42
CA LEU B 113 19.34 3.35 1.46
C LEU B 113 19.90 2.07 0.85
N ARG B 114 20.87 1.47 1.54
CA ARG B 114 21.40 0.19 1.10
C ARG B 114 20.35 -0.91 1.24
N SER B 115 19.57 -0.88 2.32
CA SER B 115 18.48 -1.82 2.54
C SER B 115 17.17 -1.07 2.51
N SER B 116 16.24 -1.51 1.67
CA SER B 116 14.97 -0.82 1.52
C SER B 116 13.99 -1.12 2.64
N TRP B 117 14.30 -2.07 3.52
CA TRP B 117 13.44 -2.43 4.63
C TRP B 117 13.82 -1.55 5.82
N VAL B 118 13.18 -0.39 5.90
CA VAL B 118 13.47 0.60 6.94
C VAL B 118 12.18 0.90 7.69
N MET B 119 12.27 0.95 9.02
CA MET B 119 11.10 1.22 9.85
C MET B 119 11.40 2.19 10.98
N THR B 120 12.45 3.01 10.83
CA THR B 120 12.71 4.07 11.80
C THR B 120 13.62 5.10 11.15
N CYS B 121 13.57 6.32 11.70
CA CYS B 121 14.48 7.38 11.28
C CYS B 121 14.54 8.42 12.39
N ALA B 122 15.63 9.17 12.41
CA ALA B 122 15.83 10.20 13.42
C ALA B 122 16.60 11.35 12.81
N TYR B 123 16.42 12.54 13.39
CA TYR B 123 17.09 13.74 12.94
C TYR B 123 17.92 14.26 14.11
N ALA B 124 19.20 14.51 13.86
CA ALA B 124 20.09 14.92 14.95
C ALA B 124 19.69 16.30 15.47
N PRO B 125 19.83 16.55 16.77
CA PRO B 125 19.49 17.88 17.29
C PRO B 125 20.29 19.00 16.66
N SER B 126 21.56 18.74 16.33
CA SER B 126 22.37 19.75 15.67
C SER B 126 21.98 19.94 14.21
N GLY B 127 21.19 19.03 13.64
CA GLY B 127 20.80 19.12 12.26
C GLY B 127 21.84 18.67 11.27
N ASN B 128 22.94 18.08 11.73
CA ASN B 128 24.02 17.66 10.86
C ASN B 128 23.89 16.21 10.40
N TYR B 129 23.25 15.36 11.18
CA TYR B 129 23.19 13.93 10.89
C TYR B 129 21.75 13.46 10.80
N VAL B 130 21.57 12.30 10.19
CA VAL B 130 20.28 11.63 10.11
C VAL B 130 20.53 10.12 10.13
N ALA B 131 19.64 9.40 10.81
CA ALA B 131 19.82 7.97 11.01
C ALA B 131 18.60 7.20 10.54
N CYS B 132 18.79 5.92 10.26
CA CYS B 132 17.70 5.04 9.88
C CYS B 132 18.09 3.60 10.17
N GLY B 133 17.07 2.75 10.27
CA GLY B 133 17.27 1.33 10.50
C GLY B 133 15.99 0.59 10.22
N GLY B 134 16.11 -0.73 10.14
CA GLY B 134 14.94 -1.53 9.80
C GLY B 134 15.09 -3.01 10.00
N LEU B 135 14.61 -3.81 9.04
CA LEU B 135 14.69 -5.25 9.15
C LEU B 135 16.12 -5.76 9.20
N ASP B 136 17.04 -5.17 8.45
CA ASP B 136 18.45 -5.39 8.68
C ASP B 136 18.81 -4.80 10.04
N ASN B 137 19.71 -5.47 10.75
CA ASN B 137 19.96 -5.16 12.15
C ASN B 137 20.98 -4.05 12.34
N ILE B 138 21.12 -3.17 11.36
CA ILE B 138 22.17 -2.16 11.34
C ILE B 138 21.54 -0.78 11.40
N CYS B 139 22.06 0.07 12.29
CA CYS B 139 21.67 1.47 12.36
C CYS B 139 22.66 2.28 11.54
N SER B 140 22.18 2.92 10.48
CA SER B 140 23.03 3.68 9.58
C SER B 140 22.99 5.15 9.96
N ILE B 141 24.17 5.78 10.01
CA ILE B 141 24.29 7.20 10.30
C ILE B 141 24.75 7.91 9.03
N TYR B 142 23.95 8.85 8.56
CA TYR B 142 24.23 9.59 7.33
C TYR B 142 24.66 11.00 7.67
N ASN B 143 25.74 11.46 7.05
CA ASN B 143 26.29 12.79 7.29
C ASN B 143 25.70 13.74 6.25
N LEU B 144 24.91 14.71 6.71
CA LEU B 144 24.24 15.62 5.78
C LEU B 144 25.16 16.74 5.33
N LYS B 145 25.72 17.48 6.27
CA LYS B 145 26.56 18.63 5.96
C LYS B 145 27.99 18.16 5.74
N THR B 146 28.41 18.10 4.49
CA THR B 146 29.75 17.67 4.11
C THR B 146 30.34 18.72 3.17
N ARG B 147 31.62 18.53 2.82
CA ARG B 147 32.32 19.51 2.00
C ARG B 147 31.86 19.50 0.55
N GLU B 148 31.39 18.36 0.04
CA GLU B 148 30.95 18.25 -1.35
C GLU B 148 29.46 18.41 -1.53
N GLY B 149 28.69 18.50 -0.46
CA GLY B 149 27.26 18.66 -0.56
C GLY B 149 26.50 17.39 -0.91
N ASN B 150 27.16 16.24 -0.91
CA ASN B 150 26.54 14.96 -1.25
C ASN B 150 26.51 14.08 -0.01
N VAL B 151 25.35 13.52 0.30
CA VAL B 151 25.17 12.74 1.51
C VAL B 151 25.89 11.40 1.38
N ARG B 152 26.69 11.06 2.38
CA ARG B 152 27.43 9.81 2.41
C ARG B 152 27.28 9.13 3.75
N VAL B 153 27.40 7.81 3.76
CA VAL B 153 27.22 7.02 4.98
C VAL B 153 28.39 7.31 5.92
N SER B 154 28.10 7.94 7.06
CA SER B 154 29.15 8.24 8.02
C SER B 154 29.64 6.98 8.73
N ARG B 155 28.71 6.14 9.19
CA ARG B 155 29.07 4.92 9.89
C ARG B 155 27.84 4.02 10.00
N GLU B 156 28.07 2.72 9.99
CA GLU B 156 27.02 1.72 10.18
C GLU B 156 27.22 1.05 11.53
N LEU B 157 26.17 1.04 12.34
CA LEU B 157 26.22 0.53 13.71
C LEU B 157 25.58 -0.86 13.73
N ALA B 158 26.40 -1.88 13.95
CA ALA B 158 25.94 -3.26 14.00
C ALA B 158 26.16 -3.84 15.39
N GLY B 159 25.40 -4.88 15.71
CA GLY B 159 25.51 -5.53 17.00
C GLY B 159 24.19 -6.04 17.55
N HIS B 160 23.08 -5.51 17.05
CA HIS B 160 21.78 -6.07 17.41
C HIS B 160 21.53 -7.37 16.68
N THR B 161 20.68 -8.21 17.26
CA THR B 161 20.28 -9.46 16.65
C THR B 161 18.82 -9.47 16.20
N GLY B 162 18.13 -8.34 16.29
CA GLY B 162 16.76 -8.24 15.82
C GLY B 162 16.56 -6.95 15.04
N TYR B 163 15.37 -6.82 14.46
CA TYR B 163 15.05 -5.64 13.66
C TYR B 163 15.10 -4.40 14.52
N LEU B 164 15.67 -3.33 13.96
CA LEU B 164 15.79 -2.08 14.69
C LEU B 164 14.47 -1.32 14.63
N SER B 165 13.89 -1.03 15.79
CA SER B 165 12.55 -0.46 15.85
C SER B 165 12.56 1.05 16.00
N CYS B 166 13.48 1.61 16.77
CA CYS B 166 13.53 3.05 16.96
C CYS B 166 14.95 3.48 17.30
N CYS B 167 15.23 4.76 17.06
CA CYS B 167 16.52 5.33 17.36
C CYS B 167 16.36 6.83 17.58
N ARG B 168 17.07 7.37 18.55
CA ARG B 168 17.02 8.79 18.87
C ARG B 168 18.42 9.30 19.13
N PHE B 169 18.75 10.44 18.51
CA PHE B 169 20.06 11.06 18.70
C PHE B 169 20.09 11.72 20.07
N LEU B 170 20.79 11.11 21.02
CA LEU B 170 20.98 11.73 22.32
C LEU B 170 21.86 12.97 22.21
N ASP B 171 22.82 12.93 21.29
CA ASP B 171 23.73 14.05 21.06
C ASP B 171 24.28 13.91 19.65
N ASP B 172 25.24 14.77 19.31
CA ASP B 172 25.88 14.69 18.02
C ASP B 172 26.80 13.48 17.89
N ASN B 173 27.15 12.84 19.01
CA ASN B 173 28.06 11.71 19.01
C ASN B 173 27.48 10.45 19.63
N GLN B 174 26.42 10.53 20.43
CA GLN B 174 25.81 9.37 21.07
C GLN B 174 24.42 9.17 20.53
N ILE B 175 24.07 7.92 20.24
CA ILE B 175 22.75 7.55 19.76
C ILE B 175 22.27 6.33 20.53
N VAL B 176 21.00 6.34 20.90
CA VAL B 176 20.37 5.23 21.63
C VAL B 176 19.38 4.55 20.69
N THR B 177 19.44 3.22 20.64
CA THR B 177 18.62 2.45 19.72
C THR B 177 17.88 1.36 20.47
N SER B 178 16.72 0.98 19.94
CA SER B 178 15.91 -0.10 20.49
C SER B 178 15.56 -1.05 19.35
N SER B 179 15.78 -2.34 19.58
CA SER B 179 15.60 -3.34 18.54
C SER B 179 14.62 -4.42 19.01
N GLY B 180 14.35 -5.37 18.12
CA GLY B 180 13.44 -6.46 18.39
C GLY B 180 14.05 -7.61 19.17
N ASP B 181 15.32 -7.52 19.54
CA ASP B 181 15.97 -8.55 20.34
C ASP B 181 15.79 -8.34 21.84
N THR B 182 14.75 -7.58 22.23
CA THR B 182 14.37 -7.35 23.62
C THR B 182 15.40 -6.54 24.40
N THR B 183 16.29 -5.83 23.73
CA THR B 183 17.27 -4.99 24.40
C THR B 183 17.36 -3.63 23.72
N CYS B 184 17.76 -2.62 24.49
CA CYS B 184 18.08 -1.30 23.98
C CYS B 184 19.56 -1.04 24.25
N ALA B 185 20.20 -0.29 23.37
CA ALA B 185 21.63 -0.07 23.45
C ALA B 185 21.96 1.40 23.27
N LEU B 186 23.06 1.82 23.89
CA LEU B 186 23.62 3.15 23.72
C LEU B 186 24.91 3.04 22.93
N TRP B 187 25.00 3.76 21.81
CA TRP B 187 26.13 3.66 20.90
C TRP B 187 27.01 4.88 20.97
N ASP B 188 28.29 4.69 20.64
CA ASP B 188 29.25 5.78 20.49
C ASP B 188 29.61 5.85 19.01
N ILE B 189 29.13 6.88 18.33
CA ILE B 189 29.25 6.94 16.87
C ILE B 189 30.71 7.04 16.45
N GLU B 190 31.53 7.74 17.24
CA GLU B 190 32.94 7.88 16.88
C GLU B 190 33.64 6.52 16.85
N THR B 191 33.36 5.68 17.84
CA THR B 191 33.99 4.36 17.90
C THR B 191 33.17 3.29 17.18
N GLY B 192 31.85 3.29 17.35
CA GLY B 192 31.01 2.28 16.73
C GLY B 192 30.68 1.10 17.61
N GLN B 193 31.03 1.15 18.88
CA GLN B 193 30.78 0.05 19.81
C GLN B 193 29.66 0.41 20.77
N GLN B 194 29.02 -0.63 21.31
CA GLN B 194 27.94 -0.46 22.28
C GLN B 194 28.54 -0.02 23.61
N THR B 195 28.37 1.26 23.94
CA THR B 195 28.84 1.76 25.23
C THR B 195 28.09 1.12 26.38
N THR B 196 26.77 0.99 26.26
CA THR B 196 25.94 0.43 27.31
C THR B 196 24.79 -0.32 26.67
N THR B 197 24.41 -1.45 27.29
CA THR B 197 23.30 -2.27 26.82
C THR B 197 22.26 -2.36 27.92
N PHE B 198 21.00 -2.09 27.57
CA PHE B 198 19.89 -2.11 28.52
C PHE B 198 19.11 -3.40 28.31
N THR B 199 19.13 -4.28 29.31
CA THR B 199 18.44 -5.55 29.27
C THR B 199 17.39 -5.61 30.36
N GLY B 200 16.40 -6.48 30.15
CA GLY B 200 15.34 -6.65 31.12
C GLY B 200 13.98 -6.86 30.50
N HIS B 201 13.78 -6.37 29.29
CA HIS B 201 12.51 -6.57 28.60
C HIS B 201 12.36 -8.04 28.20
N THR B 202 11.13 -8.54 28.33
CA THR B 202 10.83 -9.91 27.95
C THR B 202 10.16 -10.03 26.59
N GLY B 203 10.08 -8.93 25.83
CA GLY B 203 9.50 -8.97 24.51
C GLY B 203 10.16 -7.95 23.62
N ASP B 204 9.76 -7.95 22.35
CA ASP B 204 10.34 -7.04 21.38
C ASP B 204 10.06 -5.59 21.77
N VAL B 205 11.10 -4.76 21.77
CA VAL B 205 10.98 -3.35 22.09
C VAL B 205 10.58 -2.60 20.83
N MET B 206 9.46 -1.89 20.88
CA MET B 206 8.90 -1.27 19.70
C MET B 206 9.01 0.24 19.65
N SER B 207 9.26 0.90 20.77
CA SER B 207 9.29 2.36 20.78
C SER B 207 10.29 2.84 21.83
N LEU B 208 10.66 4.11 21.69
CA LEU B 208 11.67 4.72 22.56
C LEU B 208 11.51 6.23 22.50
N SER B 209 11.66 6.88 23.66
CA SER B 209 11.58 8.34 23.73
C SER B 209 12.56 8.85 24.78
N LEU B 210 13.25 9.94 24.44
CA LEU B 210 14.24 10.54 25.32
C LEU B 210 13.60 11.67 26.14
N ALA B 211 14.05 11.79 27.39
CA ALA B 211 13.62 12.91 28.22
C ALA B 211 14.20 14.21 27.69
N PRO B 212 13.53 15.34 27.94
CA PRO B 212 14.06 16.62 27.45
C PRO B 212 15.45 16.94 27.97
N ASP B 213 15.78 16.51 29.18
CA ASP B 213 17.11 16.75 29.75
C ASP B 213 18.11 15.66 29.38
N THR B 214 17.71 14.66 28.60
CA THR B 214 18.60 13.62 28.06
C THR B 214 19.41 12.92 29.14
N ARG B 215 18.78 12.61 30.27
CA ARG B 215 19.39 11.75 31.28
C ARG B 215 18.66 10.43 31.47
N LEU B 216 17.38 10.37 31.09
CA LEU B 216 16.60 9.15 31.19
C LEU B 216 15.81 8.98 29.89
N PHE B 217 15.39 7.75 29.63
CA PHE B 217 14.52 7.48 28.49
C PHE B 217 13.63 6.30 28.83
N VAL B 218 12.49 6.21 28.14
CA VAL B 218 11.51 5.16 28.35
C VAL B 218 11.36 4.36 27.07
N SER B 219 11.11 3.07 27.21
CA SER B 219 10.93 2.16 26.08
C SER B 219 9.68 1.32 26.31
N GLY B 220 8.83 1.24 25.29
CA GLY B 220 7.67 0.37 25.32
C GLY B 220 7.91 -0.86 24.46
N ALA B 221 7.62 -2.02 25.02
CA ALA B 221 7.93 -3.28 24.37
C ALA B 221 6.66 -4.09 24.16
N CYS B 222 6.83 -5.28 23.57
CA CYS B 222 5.71 -6.14 23.25
C CYS B 222 5.24 -6.97 24.43
N ASP B 223 5.90 -6.87 25.58
CA ASP B 223 5.44 -7.56 26.77
C ASP B 223 4.44 -6.75 27.58
N ALA B 224 3.80 -5.75 26.95
CA ALA B 224 2.77 -4.93 27.58
C ALA B 224 3.31 -4.19 28.81
N SER B 225 4.53 -3.70 28.73
CA SER B 225 5.13 -2.95 29.83
C SER B 225 6.06 -1.88 29.28
N ALA B 226 6.23 -0.82 30.06
CA ALA B 226 7.16 0.26 29.74
C ALA B 226 8.11 0.44 30.92
N LYS B 227 9.38 0.73 30.61
CA LYS B 227 10.40 0.83 31.63
C LYS B 227 11.14 2.15 31.51
N LEU B 228 11.63 2.62 32.65
CA LEU B 228 12.43 3.84 32.72
C LEU B 228 13.89 3.47 32.93
N TRP B 229 14.76 3.96 32.06
CA TRP B 229 16.17 3.63 32.09
C TRP B 229 17.01 4.85 32.43
N ASP B 230 18.15 4.61 33.06
CA ASP B 230 19.14 5.64 33.32
C ASP B 230 20.28 5.47 32.33
N VAL B 231 20.58 6.54 31.58
CA VAL B 231 21.57 6.44 30.51
C VAL B 231 22.95 6.15 31.08
N ARG B 232 23.35 6.88 32.12
CA ARG B 232 24.69 6.71 32.67
C ARG B 232 24.84 5.38 33.40
N GLU B 233 23.89 5.04 34.27
CA GLU B 233 24.00 3.83 35.06
C GLU B 233 23.66 2.58 34.26
N GLY B 234 22.78 2.70 33.26
CA GLY B 234 22.40 1.54 32.47
C GLY B 234 21.61 0.50 33.24
N MET B 235 20.65 0.94 34.05
CA MET B 235 19.79 0.03 34.80
C MET B 235 18.35 0.50 34.70
N CYS B 236 17.41 -0.45 34.83
CA CYS B 236 15.99 -0.15 34.75
C CYS B 236 15.54 0.48 36.05
N ARG B 237 15.24 1.79 36.01
CA ARG B 237 14.87 2.50 37.22
C ARG B 237 13.49 2.09 37.72
N GLN B 238 12.49 2.05 36.83
CA GLN B 238 11.13 1.70 37.22
C GLN B 238 10.50 0.88 36.10
N THR B 239 9.44 0.16 36.45
CA THR B 239 8.69 -0.66 35.52
C THR B 239 7.21 -0.30 35.60
N PHE B 240 6.60 -0.08 34.44
CA PHE B 240 5.20 0.32 34.34
C PHE B 240 4.44 -0.74 33.55
N THR B 241 3.34 -1.23 34.12
CA THR B 241 2.56 -2.31 33.50
C THR B 241 1.06 -2.01 33.68
N GLY B 242 0.45 -1.43 32.65
CA GLY B 242 -0.98 -1.19 32.66
C GLY B 242 -1.71 -1.75 31.46
N HIS B 243 -1.01 -1.93 30.35
CA HIS B 243 -1.66 -2.32 29.11
C HIS B 243 -1.99 -3.81 29.09
N GLU B 244 -2.79 -4.20 28.10
CA GLU B 244 -3.17 -5.58 27.90
C GLU B 244 -2.56 -6.21 26.66
N SER B 245 -1.86 -5.42 25.83
CA SER B 245 -1.23 -5.94 24.62
C SER B 245 0.07 -5.19 24.38
N ASP B 246 0.71 -5.47 23.26
CA ASP B 246 2.00 -4.88 22.94
C ASP B 246 1.88 -3.37 22.74
N ILE B 247 2.93 -2.65 23.13
CA ILE B 247 2.99 -1.20 23.04
C ILE B 247 3.76 -0.82 21.79
N ASN B 248 3.17 0.06 20.97
CA ASN B 248 3.80 0.46 19.72
C ASN B 248 4.33 1.88 19.72
N ALA B 249 4.00 2.69 20.72
CA ALA B 249 4.44 4.07 20.73
C ALA B 249 4.62 4.56 22.15
N ILE B 250 5.45 5.60 22.31
CA ILE B 250 5.70 6.21 23.62
C ILE B 250 6.23 7.61 23.38
N CYS B 251 5.99 8.50 24.35
CA CYS B 251 6.44 9.88 24.23
C CYS B 251 6.38 10.59 25.58
N PHE B 252 7.47 11.26 25.95
CA PHE B 252 7.52 11.98 27.21
C PHE B 252 6.60 13.19 27.20
N PHE B 253 6.01 13.47 28.37
CA PHE B 253 5.36 14.74 28.61
C PHE B 253 6.41 15.86 28.54
N PRO B 254 6.03 17.03 28.04
CA PRO B 254 7.02 18.12 27.92
C PRO B 254 7.66 18.50 29.25
N ASN B 255 6.95 18.30 30.37
CA ASN B 255 7.54 18.57 31.68
C ASN B 255 8.75 17.68 31.92
N GLY B 256 8.67 16.42 31.51
CA GLY B 256 9.72 15.46 31.77
C GLY B 256 9.44 14.51 32.90
N ASN B 257 8.26 14.57 33.52
CA ASN B 257 7.91 13.69 34.63
C ASN B 257 6.76 12.75 34.29
N ALA B 258 6.37 12.67 33.01
CA ALA B 258 5.27 11.80 32.62
C ALA B 258 5.45 11.41 31.16
N PHE B 259 4.71 10.40 30.75
CA PHE B 259 4.75 9.96 29.36
C PHE B 259 3.45 9.22 29.03
N ALA B 260 3.19 9.10 27.73
CA ALA B 260 1.99 8.44 27.23
C ALA B 260 2.37 7.31 26.30
N THR B 261 1.65 6.19 26.40
CA THR B 261 1.92 5.00 25.61
C THR B 261 0.70 4.64 24.78
N GLY B 262 0.93 4.12 23.59
CA GLY B 262 -0.13 3.60 22.73
C GLY B 262 0.10 2.13 22.45
N SER B 263 -0.98 1.36 22.42
CA SER B 263 -0.87 -0.09 22.27
C SER B 263 -1.90 -0.58 21.26
N ASP B 264 -1.78 -1.87 20.92
CA ASP B 264 -2.77 -2.50 20.04
C ASP B 264 -4.08 -2.77 20.76
N ASP B 265 -4.15 -2.51 22.06
CA ASP B 265 -5.39 -2.65 22.82
C ASP B 265 -6.39 -1.58 22.41
N ALA B 266 -5.96 -0.58 21.64
CA ALA B 266 -6.76 0.60 21.28
C ALA B 266 -7.03 1.45 22.53
N THR B 267 -5.96 1.76 23.26
CA THR B 267 -6.06 2.50 24.51
C THR B 267 -4.74 3.21 24.74
N CYS B 268 -4.79 4.53 24.87
CA CYS B 268 -3.63 5.30 25.28
C CYS B 268 -3.71 5.58 26.78
N ARG B 269 -2.57 5.53 27.45
CA ARG B 269 -2.52 5.70 28.89
C ARG B 269 -1.42 6.70 29.25
N LEU B 270 -1.60 7.38 30.37
CA LEU B 270 -0.64 8.35 30.87
C LEU B 270 -0.04 7.83 32.18
N PHE B 271 1.28 7.65 32.18
CA PHE B 271 1.99 7.19 33.36
C PHE B 271 2.84 8.32 33.92
N ASP B 272 3.07 8.28 35.22
CA ASP B 272 3.78 9.34 35.92
C ASP B 272 5.01 8.76 36.62
N LEU B 273 6.15 9.43 36.46
CA LEU B 273 7.40 8.93 37.01
C LEU B 273 7.43 9.06 38.53
N ARG B 274 7.02 10.22 39.05
CA ARG B 274 7.11 10.44 40.49
C ARG B 274 6.06 9.62 41.23
N ALA B 275 4.84 9.56 40.70
CA ALA B 275 3.79 8.76 41.33
C ALA B 275 3.96 7.27 41.09
N ASP B 276 4.71 6.89 40.05
CA ASP B 276 5.04 5.49 39.76
C ASP B 276 3.78 4.64 39.59
N GLN B 277 2.82 5.16 38.82
CA GLN B 277 1.58 4.44 38.56
C GLN B 277 0.88 5.09 37.37
N GLU B 278 -0.30 4.57 37.05
CA GLU B 278 -1.10 5.04 35.93
C GLU B 278 -2.03 6.16 36.37
N LEU B 279 -2.19 7.17 35.51
CA LEU B 279 -3.03 8.32 35.83
C LEU B 279 -4.35 8.32 35.06
N MET B 280 -4.28 8.26 33.72
CA MET B 280 -5.47 8.47 32.91
C MET B 280 -5.50 7.41 31.80
N THR B 281 -6.70 7.08 31.36
CA THR B 281 -6.91 6.16 30.25
C THR B 281 -7.71 6.85 29.16
N TYR B 282 -7.18 6.86 27.95
CA TYR B 282 -7.80 7.52 26.80
C TYR B 282 -8.33 6.45 25.86
N SER B 283 -9.60 6.10 26.01
CA SER B 283 -10.22 5.06 25.18
C SER B 283 -11.62 5.49 24.79
N HIS B 284 -12.07 4.97 23.65
CA HIS B 284 -13.43 5.21 23.16
C HIS B 284 -14.02 3.90 22.66
N ASP B 285 -15.34 3.81 22.70
CA ASP B 285 -16.01 2.58 22.30
C ASP B 285 -16.08 2.40 20.79
N ASN B 286 -15.90 3.48 20.03
CA ASN B 286 -15.97 3.43 18.57
C ASN B 286 -14.64 3.10 17.92
N ILE B 287 -13.58 2.92 18.70
CA ILE B 287 -12.26 2.61 18.18
C ILE B 287 -11.83 1.25 18.72
N ILE B 288 -11.45 0.34 17.82
CA ILE B 288 -11.02 -0.99 18.19
C ILE B 288 -9.70 -1.33 17.49
N CYS B 289 -9.07 -0.31 16.92
CA CYS B 289 -7.82 -0.47 16.20
C CYS B 289 -6.67 0.07 17.03
N GLY B 290 -5.50 -0.58 16.93
CA GLY B 290 -4.40 -0.22 17.79
C GLY B 290 -3.76 1.11 17.39
N ILE B 291 -3.06 1.70 18.35
CA ILE B 291 -2.36 2.96 18.12
C ILE B 291 -0.98 2.66 17.55
N THR B 292 -0.57 3.44 16.55
CA THR B 292 0.75 3.29 15.95
C THR B 292 1.71 4.41 16.31
N SER B 293 1.22 5.53 16.84
CA SER B 293 2.06 6.68 17.13
C SER B 293 1.39 7.54 18.19
N VAL B 294 2.21 8.14 19.05
CA VAL B 294 1.74 9.01 20.12
C VAL B 294 2.69 10.20 20.23
N SER B 295 2.11 11.40 20.40
CA SER B 295 2.92 12.59 20.61
C SER B 295 2.10 13.62 21.37
N PHE B 296 2.81 14.56 21.99
CA PHE B 296 2.20 15.62 22.79
C PHE B 296 2.34 16.96 22.10
N SER B 297 1.53 17.92 22.52
CA SER B 297 1.66 19.30 22.06
C SER B 297 2.75 20.00 22.87
N LYS B 298 3.02 21.27 22.52
CA LYS B 298 4.07 22.00 23.20
C LYS B 298 3.74 22.23 24.67
N SER B 299 2.48 22.56 24.97
CA SER B 299 2.07 22.78 26.35
C SER B 299 1.68 21.50 27.06
N GLY B 300 1.57 20.38 26.35
CA GLY B 300 1.19 19.13 26.95
C GLY B 300 -0.30 18.94 27.14
N ARG B 301 -1.12 19.89 26.74
CA ARG B 301 -2.56 19.76 26.92
C ARG B 301 -3.19 18.81 25.92
N LEU B 302 -2.63 18.74 24.71
CA LEU B 302 -3.19 17.91 23.64
C LEU B 302 -2.33 16.66 23.48
N LEU B 303 -2.98 15.50 23.40
CA LEU B 303 -2.31 14.23 23.15
C LEU B 303 -2.80 13.69 21.81
N LEU B 304 -1.92 13.69 20.81
CA LEU B 304 -2.28 13.26 19.46
C LEU B 304 -1.85 11.82 19.27
N ALA B 305 -2.73 11.01 18.71
CA ALA B 305 -2.45 9.59 18.49
C ALA B 305 -2.93 9.17 17.11
N GLY B 306 -2.11 8.36 16.44
CA GLY B 306 -2.49 7.80 15.15
C GLY B 306 -3.03 6.39 15.33
N TYR B 307 -3.96 6.01 14.46
CA TYR B 307 -4.66 4.74 14.59
C TYR B 307 -4.56 3.94 13.29
N ASP B 308 -4.95 2.67 13.38
CA ASP B 308 -4.95 1.79 12.22
C ASP B 308 -6.13 2.01 11.29
N ASP B 309 -7.09 2.85 11.67
CA ASP B 309 -8.24 3.16 10.82
C ASP B 309 -8.04 4.44 10.04
N PHE B 310 -6.80 4.70 9.62
CA PHE B 310 -6.36 5.89 8.89
C PHE B 310 -7.01 7.16 9.42
N ASN B 311 -7.03 7.32 10.74
CA ASN B 311 -7.50 8.53 11.40
C ASN B 311 -6.53 8.89 12.51
N CYS B 312 -6.53 10.17 12.86
CA CYS B 312 -5.73 10.68 13.99
C CYS B 312 -6.65 11.43 14.93
N ASN B 313 -6.62 11.07 16.20
CA ASN B 313 -7.50 11.65 17.21
C ASN B 313 -6.70 12.54 18.13
N VAL B 314 -7.21 13.75 18.40
CA VAL B 314 -6.61 14.68 19.33
C VAL B 314 -7.32 14.54 20.66
N TRP B 315 -6.57 14.20 21.71
CA TRP B 315 -7.13 13.94 23.02
C TRP B 315 -6.81 15.08 23.97
N ASP B 316 -7.70 15.32 24.92
CA ASP B 316 -7.45 16.26 26.00
C ASP B 316 -6.69 15.54 27.10
N ALA B 317 -5.42 15.92 27.30
CA ALA B 317 -4.56 15.17 28.22
C ALA B 317 -5.06 15.20 29.64
N LEU B 318 -5.78 16.26 30.03
CA LEU B 318 -6.27 16.40 31.40
C LEU B 318 -7.76 16.09 31.54
N LYS B 319 -8.41 15.63 30.47
CA LYS B 319 -9.84 15.35 30.51
C LYS B 319 -10.24 14.01 29.91
N ALA B 320 -9.38 13.39 29.09
CA ALA B 320 -9.70 12.14 28.41
C ALA B 320 -10.94 12.26 27.53
N ASP B 321 -11.10 13.41 26.88
CA ASP B 321 -12.20 13.65 25.95
C ASP B 321 -11.62 14.03 24.60
N ARG B 322 -12.15 13.44 23.54
CA ARG B 322 -11.67 13.76 22.20
C ARG B 322 -11.98 15.22 21.87
N ALA B 323 -11.00 15.91 21.29
CA ALA B 323 -11.18 17.30 20.90
C ALA B 323 -11.22 17.50 19.40
N GLY B 324 -10.81 16.51 18.61
CA GLY B 324 -10.83 16.65 17.17
C GLY B 324 -10.38 15.36 16.52
N VAL B 325 -10.54 15.32 15.20
CA VAL B 325 -10.13 14.18 14.38
C VAL B 325 -9.39 14.71 13.17
N LEU B 326 -8.19 14.19 12.94
CA LEU B 326 -7.39 14.59 11.78
C LEU B 326 -7.54 13.58 10.64
N ALA B 327 -8.77 13.47 10.14
CA ALA B 327 -9.03 12.59 9.02
C ALA B 327 -8.46 13.19 7.73
N GLY B 328 -8.19 12.32 6.77
CA GLY B 328 -7.58 12.77 5.53
C GLY B 328 -6.59 11.80 4.92
N HIS B 329 -6.17 10.81 5.70
CA HIS B 329 -5.30 9.77 5.18
C HIS B 329 -6.12 8.60 4.64
N ASP B 330 -5.44 7.72 3.91
CA ASP B 330 -6.10 6.63 3.22
C ASP B 330 -5.88 5.25 3.83
N ASN B 331 -4.62 4.85 4.06
CA ASN B 331 -4.37 3.48 4.48
C ASN B 331 -4.26 3.34 6.00
N ARG B 332 -3.26 3.96 6.61
CA ARG B 332 -3.04 3.84 8.05
C ARG B 332 -2.00 4.85 8.47
N VAL B 333 -2.29 5.62 9.52
CA VAL B 333 -1.31 6.58 10.04
C VAL B 333 -0.26 5.82 10.83
N SER B 334 0.98 5.84 10.35
CA SER B 334 2.05 5.06 10.95
C SER B 334 3.04 5.89 11.75
N CYS B 335 3.19 7.16 11.43
CA CYS B 335 4.13 8.03 12.13
C CYS B 335 3.49 9.39 12.36
N LEU B 336 3.99 10.08 13.39
CA LEU B 336 3.42 11.36 13.80
C LEU B 336 4.46 12.12 14.61
N GLY B 337 4.38 13.44 14.57
CA GLY B 337 5.33 14.28 15.28
C GLY B 337 4.83 15.69 15.40
N VAL B 338 5.34 16.40 16.40
CA VAL B 338 4.99 17.79 16.66
C VAL B 338 6.27 18.60 16.70
N THR B 339 6.25 19.78 16.07
CA THR B 339 7.42 20.64 16.03
C THR B 339 7.79 21.10 17.44
N ASP B 340 9.05 21.48 17.61
CA ASP B 340 9.51 21.96 18.91
C ASP B 340 8.79 23.24 19.32
N ASP B 341 8.53 24.13 18.36
CA ASP B 341 7.80 25.35 18.65
C ASP B 341 6.28 25.15 18.64
N GLY B 342 5.81 23.96 18.28
CA GLY B 342 4.40 23.65 18.37
C GLY B 342 3.53 24.20 17.26
N MET B 343 4.11 24.77 16.21
CA MET B 343 3.31 25.37 15.15
C MET B 343 2.47 24.34 14.41
N ALA B 344 3.06 23.19 14.08
CA ALA B 344 2.42 22.26 13.17
C ALA B 344 2.56 20.84 13.67
N VAL B 345 1.68 19.98 13.16
CA VAL B 345 1.71 18.54 13.41
C VAL B 345 1.77 17.83 12.08
N ALA B 346 2.75 16.94 11.91
CA ALA B 346 2.94 16.21 10.67
C ALA B 346 2.61 14.74 10.90
N THR B 347 1.78 14.19 10.03
CA THR B 347 1.38 12.78 10.09
C THR B 347 1.71 12.12 8.76
N GLY B 348 2.46 11.03 8.82
CA GLY B 348 2.75 10.22 7.66
C GLY B 348 1.98 8.91 7.73
N SER B 349 1.57 8.42 6.56
CA SER B 349 0.71 7.25 6.50
C SER B 349 1.19 6.30 5.42
N TRP B 350 0.55 5.13 5.37
CA TRP B 350 0.96 4.07 4.45
C TRP B 350 0.62 4.36 2.99
N ASP B 351 -0.12 5.45 2.75
CA ASP B 351 -0.54 5.85 1.38
C ASP B 351 0.57 6.70 0.74
N SER B 352 1.75 6.81 1.37
CA SER B 352 2.91 7.52 0.86
C SER B 352 2.75 9.03 0.83
N PHE B 353 2.05 9.62 1.80
CA PHE B 353 1.87 11.06 1.85
C PHE B 353 2.18 11.58 3.26
N LEU B 354 2.98 12.63 3.34
CA LEU B 354 3.14 13.41 4.56
C LEU B 354 2.19 14.60 4.50
N LYS B 355 1.52 14.88 5.61
CA LYS B 355 0.57 15.99 5.67
C LYS B 355 0.90 16.87 6.87
N ILE B 356 1.09 18.15 6.62
CA ILE B 356 1.30 19.14 7.68
C ILE B 356 -0.06 19.72 8.04
N TRP B 357 -0.39 19.73 9.33
CA TRP B 357 -1.73 20.08 9.75
C TRP B 357 -1.86 21.46 10.36
N ASN B 358 -1.10 21.79 11.40
CA ASN B 358 -1.19 23.11 12.04
C ASN B 358 -2.61 23.45 12.45
N SER C 8 17.79 -22.25 34.46
CA SER C 8 17.26 -20.90 34.38
C SER C 8 17.13 -20.28 35.77
N ILE C 9 18.03 -20.67 36.67
CA ILE C 9 18.00 -20.14 38.04
C ILE C 9 18.84 -18.88 38.19
N ALA C 10 19.86 -18.70 37.36
CA ALA C 10 20.71 -17.51 37.47
C ALA C 10 19.90 -16.25 37.19
N GLN C 11 19.00 -16.28 36.20
CA GLN C 11 18.19 -15.12 35.89
C GLN C 11 17.18 -14.81 36.99
N ALA C 12 16.80 -15.80 37.80
CA ALA C 12 15.88 -15.54 38.90
C ALA C 12 16.50 -14.61 39.93
N ARG C 13 17.79 -14.78 40.22
CA ARG C 13 18.46 -13.89 41.16
C ARG C 13 18.48 -12.46 40.63
N LYS C 14 18.77 -12.29 39.34
CA LYS C 14 18.77 -10.96 38.75
C LYS C 14 17.38 -10.34 38.80
N LEU C 15 16.35 -11.14 38.51
CA LEU C 15 14.99 -10.63 38.53
C LEU C 15 14.57 -10.20 39.94
N VAL C 16 14.89 -11.01 40.95
CA VAL C 16 14.51 -10.65 42.30
C VAL C 16 15.30 -9.45 42.79
N GLU C 17 16.57 -9.33 42.38
CA GLU C 17 17.34 -8.15 42.73
C GLU C 17 16.75 -6.90 42.09
N GLN C 18 16.33 -6.99 40.82
CA GLN C 18 15.69 -5.87 40.17
C GLN C 18 14.40 -5.49 40.87
N LEU C 19 13.59 -6.48 41.25
CA LEU C 19 12.34 -6.20 41.95
C LEU C 19 12.59 -5.52 43.29
N LYS C 20 13.57 -5.99 44.06
CA LYS C 20 13.83 -5.39 45.36
C LYS C 20 14.46 -4.01 45.22
N MET C 21 15.15 -3.77 44.10
CA MET C 21 15.70 -2.44 43.86
C MET C 21 14.61 -1.46 43.42
N GLU C 22 13.60 -1.95 42.69
CA GLU C 22 12.54 -1.07 42.20
C GLU C 22 11.57 -0.64 43.29
N ALA C 23 11.55 -1.35 44.43
CA ALA C 23 10.58 -1.07 45.47
C ALA C 23 11.10 -0.10 46.54
N ASN C 24 12.33 0.37 46.42
CA ASN C 24 12.93 1.25 47.41
C ASN C 24 12.93 2.71 46.99
N ILE C 25 12.28 3.06 45.89
CA ILE C 25 12.25 4.45 45.42
C ILE C 25 11.19 5.22 46.19
N ASP C 26 11.43 6.51 46.39
CA ASP C 26 10.47 7.36 47.06
C ASP C 26 9.30 7.66 46.15
N ARG C 27 8.10 7.64 46.72
CA ARG C 27 6.86 7.87 45.98
C ARG C 27 6.11 9.04 46.59
N ILE C 28 5.44 9.82 45.75
CA ILE C 28 4.67 10.97 46.20
C ILE C 28 3.20 10.71 45.93
N LYS C 29 2.35 11.49 46.60
CA LYS C 29 0.91 11.34 46.43
C LYS C 29 0.49 11.69 45.02
N VAL C 30 -0.53 10.98 44.52
CA VAL C 30 -0.99 11.20 43.15
C VAL C 30 -1.64 12.58 43.02
N SER C 31 -2.24 13.09 44.09
CA SER C 31 -2.87 14.41 44.02
C SER C 31 -1.84 15.50 43.74
N LYS C 32 -0.69 15.44 44.40
CA LYS C 32 0.37 16.41 44.16
C LYS C 32 0.86 16.34 42.72
N ALA C 33 1.03 15.13 42.19
CA ALA C 33 1.49 14.97 40.82
C ALA C 33 0.48 15.49 39.82
N ALA C 34 -0.80 15.21 40.03
CA ALA C 34 -1.83 15.74 39.15
C ALA C 34 -1.88 17.26 39.21
N ALA C 35 -1.72 17.83 40.41
CA ALA C 35 -1.68 19.28 40.54
C ALA C 35 -0.50 19.86 39.79
N ASP C 36 0.67 19.21 39.87
CA ASP C 36 1.84 19.69 39.13
C ASP C 36 1.61 19.65 37.63
N LEU C 37 1.04 18.55 37.12
CA LEU C 37 0.76 18.46 35.70
C LEU C 37 -0.23 19.53 35.26
N MET C 38 -1.29 19.75 36.05
CA MET C 38 -2.27 20.77 35.70
C MET C 38 -1.65 22.16 35.72
N ALA C 39 -0.80 22.44 36.71
CA ALA C 39 -0.14 23.73 36.78
C ALA C 39 0.78 23.95 35.59
N TYR C 40 1.53 22.93 35.19
CA TYR C 40 2.38 23.06 34.01
C TYR C 40 1.54 23.29 32.76
N CYS C 41 0.42 22.58 32.63
CA CYS C 41 -0.43 22.76 31.45
C CYS C 41 -1.01 24.15 31.38
N GLU C 42 -1.46 24.70 32.52
CA GLU C 42 -2.09 26.02 32.49
C GLU C 42 -1.05 27.13 32.37
N ALA C 43 0.18 26.88 32.85
CA ALA C 43 1.20 27.92 32.82
C ALA C 43 1.66 28.22 31.40
N HIS C 44 1.77 27.19 30.56
CA HIS C 44 2.24 27.34 29.19
C HIS C 44 1.12 27.29 28.16
N ALA C 45 -0.13 27.52 28.58
CA ALA C 45 -1.24 27.48 27.64
C ALA C 45 -1.17 28.61 26.62
N LYS C 46 -0.59 29.76 27.01
CA LYS C 46 -0.51 30.88 26.08
C LYS C 46 0.49 30.63 24.97
N GLU C 47 1.51 29.81 25.22
CA GLU C 47 2.58 29.56 24.25
C GLU C 47 2.32 28.33 23.38
N ASP C 48 1.09 27.81 23.36
CA ASP C 48 0.79 26.63 22.57
C ASP C 48 0.00 27.03 21.32
N PRO C 49 0.63 27.05 20.16
CA PRO C 49 -0.09 27.44 18.93
C PRO C 49 -1.21 26.47 18.57
N LEU C 50 -1.11 25.20 18.95
CA LEU C 50 -2.14 24.24 18.57
C LEU C 50 -3.42 24.45 19.37
N LEU C 51 -3.29 24.73 20.67
CA LEU C 51 -4.47 24.90 21.51
C LEU C 51 -5.25 26.14 21.12
N THR C 52 -4.58 27.28 21.00
CA THR C 52 -5.20 28.52 20.56
C THR C 52 -4.74 28.82 19.14
N PRO C 53 -5.63 28.78 18.14
CA PRO C 53 -5.20 29.00 16.76
C PRO C 53 -4.51 30.35 16.60
N VAL C 54 -3.39 30.32 15.90
CA VAL C 54 -2.54 31.51 15.71
C VAL C 54 -3.12 32.33 14.57
N PRO C 55 -3.04 33.67 14.63
CA PRO C 55 -3.47 34.48 13.48
C PRO C 55 -2.63 34.18 12.25
N ALA C 56 -3.27 34.29 11.08
CA ALA C 56 -2.61 33.94 9.84
C ALA C 56 -1.44 34.86 9.51
N SER C 57 -1.33 36.00 10.18
CA SER C 57 -0.23 36.93 9.89
C SER C 57 1.12 36.31 10.25
N GLU C 58 1.19 35.61 11.38
CA GLU C 58 2.43 35.01 11.86
C GLU C 58 2.37 33.48 11.82
N ASN C 59 1.61 32.93 10.88
CA ASN C 59 1.50 31.49 10.70
C ASN C 59 2.41 31.07 9.55
N PRO C 60 3.55 30.42 9.83
CA PRO C 60 4.50 30.11 8.75
C PRO C 60 3.94 29.20 7.67
N PHE C 61 3.04 28.29 8.01
CA PHE C 61 2.58 27.26 7.09
C PHE C 61 1.42 27.70 6.22
N ARG C 62 0.91 28.92 6.39
CA ARG C 62 -0.16 29.43 5.54
C ARG C 62 0.26 30.64 4.72
N GLU C 63 0.80 31.67 5.37
CA GLU C 63 1.23 32.88 4.68
C GLU C 63 2.58 33.31 5.22
N LYS C 64 3.44 33.80 4.34
CA LYS C 64 4.77 34.23 4.71
C LYS C 64 4.72 35.41 5.69
N TYR D 165 -46.11 17.23 -29.10
CA TYR D 165 -45.49 15.91 -29.08
C TYR D 165 -43.97 16.03 -29.08
N GLN D 166 -43.46 17.17 -29.59
CA GLN D 166 -42.02 17.39 -29.64
C GLN D 166 -41.43 17.61 -28.26
N VAL D 167 -42.24 17.95 -27.26
CA VAL D 167 -41.73 18.17 -25.91
C VAL D 167 -41.19 16.87 -25.33
N ILE D 168 -41.88 15.76 -25.58
CA ILE D 168 -41.42 14.47 -25.07
C ILE D 168 -40.06 14.12 -25.68
N THR D 169 -39.93 14.29 -26.99
CA THR D 169 -38.66 14.03 -27.66
C THR D 169 -37.56 14.93 -27.10
N SER D 170 -37.86 16.21 -26.91
CA SER D 170 -36.86 17.15 -26.42
C SER D 170 -36.40 16.75 -25.02
N LEU D 171 -37.33 16.39 -24.13
CA LEU D 171 -36.94 16.06 -22.77
C LEU D 171 -36.19 14.73 -22.70
N LEU D 172 -36.60 13.75 -23.51
CA LEU D 172 -35.85 12.49 -23.56
C LEU D 172 -34.43 12.71 -24.05
N LEU D 173 -34.26 13.48 -25.12
CA LEU D 173 -32.92 13.77 -25.60
C LEU D 173 -32.12 14.54 -24.55
N GLY D 174 -32.75 15.53 -23.91
CA GLY D 174 -32.03 16.30 -22.91
C GLY D 174 -31.53 15.45 -21.75
N THR D 175 -32.38 14.52 -21.27
CA THR D 175 -31.93 13.65 -20.20
C THR D 175 -30.86 12.67 -20.70
N LEU D 176 -30.89 12.31 -21.98
CA LEU D 176 -29.84 11.45 -22.52
C LEU D 176 -28.48 12.15 -22.50
N ILE D 177 -28.42 13.38 -23.03
CA ILE D 177 -27.17 14.15 -22.96
C ILE D 177 -26.76 14.38 -21.51
N PHE D 178 -27.72 14.69 -20.64
CA PHE D 178 -27.36 14.95 -19.25
C PHE D 178 -26.71 13.73 -18.61
N CYS D 179 -27.31 12.55 -18.81
CA CYS D 179 -26.75 11.33 -18.23
C CYS D 179 -25.38 11.03 -18.82
N ALA D 180 -25.23 11.18 -20.14
CA ALA D 180 -23.94 10.87 -20.76
C ALA D 180 -22.85 11.80 -20.25
N VAL D 181 -23.13 13.10 -20.20
CA VAL D 181 -22.14 14.06 -19.72
C VAL D 181 -21.80 13.79 -18.27
N LEU D 182 -22.81 13.53 -17.43
CA LEU D 182 -22.55 13.26 -16.02
C LEU D 182 -21.66 12.04 -15.84
N GLY D 183 -21.99 10.94 -16.53
CA GLY D 183 -21.20 9.74 -16.37
C GLY D 183 -19.77 9.90 -16.83
N ASN D 184 -19.57 10.48 -18.02
CA ASN D 184 -18.23 10.63 -18.54
C ASN D 184 -17.40 11.60 -17.69
N ALA D 185 -18.01 12.71 -17.26
CA ALA D 185 -17.29 13.66 -16.42
C ALA D 185 -16.93 13.04 -15.08
N CYS D 186 -17.83 12.25 -14.50
CA CYS D 186 -17.51 11.58 -13.24
C CYS D 186 -16.35 10.62 -13.41
N VAL D 187 -16.32 9.86 -14.51
CA VAL D 187 -15.22 8.93 -14.73
C VAL D 187 -13.90 9.68 -14.88
N VAL D 188 -13.91 10.76 -15.67
CA VAL D 188 -12.69 11.53 -15.88
C VAL D 188 -12.19 12.13 -14.57
N ALA D 189 -13.11 12.69 -13.77
CA ALA D 189 -12.73 13.30 -12.50
C ALA D 189 -12.17 12.25 -11.54
N ALA D 190 -12.81 11.08 -11.48
CA ALA D 190 -12.33 10.03 -10.60
C ALA D 190 -10.93 9.58 -10.98
N ILE D 191 -10.66 9.46 -12.28
CA ILE D 191 -9.31 9.10 -12.71
C ILE D 191 -8.33 10.22 -12.38
N ALA D 192 -8.74 11.47 -12.56
CA ALA D 192 -7.81 12.58 -12.40
C ALA D 192 -7.41 12.79 -10.94
N LEU D 193 -8.37 12.72 -10.02
CA LEU D 193 -8.08 13.10 -8.64
C LEU D 193 -7.58 11.94 -7.79
N GLU D 194 -7.49 10.72 -8.33
CA GLU D 194 -7.05 9.56 -7.58
C GLU D 194 -5.66 9.14 -8.05
N ARG D 195 -4.75 8.92 -7.10
CA ARG D 195 -3.43 8.40 -7.43
C ARG D 195 -3.48 6.90 -7.73
N SER D 196 -4.41 6.18 -7.10
CA SER D 196 -4.49 4.74 -7.29
C SER D 196 -4.81 4.39 -8.73
N LEU D 197 -5.71 5.15 -9.36
CA LEU D 197 -6.15 4.86 -10.72
C LEU D 197 -5.32 5.64 -11.74
N GLN D 198 -4.02 5.35 -11.76
CA GLN D 198 -3.09 6.06 -12.63
C GLN D 198 -2.17 5.09 -13.35
N ASN D 199 -2.73 4.01 -13.90
CA ASN D 199 -1.99 3.05 -14.68
C ASN D 199 -2.46 3.10 -16.13
N VAL D 200 -1.84 2.27 -16.98
CA VAL D 200 -2.05 2.36 -18.42
C VAL D 200 -3.50 2.04 -18.79
N ALA D 201 -4.04 0.98 -18.20
CA ALA D 201 -5.41 0.58 -18.54
C ALA D 201 -6.40 1.69 -18.18
N ASN D 202 -6.24 2.28 -16.99
CA ASN D 202 -7.12 3.36 -16.61
C ASN D 202 -6.86 4.62 -17.43
N TYR D 203 -5.63 4.80 -17.92
CA TYR D 203 -5.38 5.91 -18.83
C TYR D 203 -6.16 5.74 -20.13
N LEU D 204 -6.18 4.53 -20.68
CA LEU D 204 -6.96 4.28 -21.89
C LEU D 204 -8.45 4.45 -21.62
N ILE D 205 -8.93 3.96 -20.48
CA ILE D 205 -10.35 4.14 -20.14
C ILE D 205 -10.68 5.61 -19.97
N GLY D 206 -9.78 6.39 -19.38
CA GLY D 206 -10.01 7.82 -19.24
C GLY D 206 -10.01 8.54 -20.55
N SER D 207 -9.13 8.15 -21.48
CA SER D 207 -9.16 8.76 -22.81
C SER D 207 -10.47 8.42 -23.52
N LEU D 208 -10.96 7.20 -23.37
CA LEU D 208 -12.25 6.85 -23.94
C LEU D 208 -13.38 7.68 -23.32
N ALA D 209 -13.32 7.90 -22.00
CA ALA D 209 -14.32 8.72 -21.35
C ALA D 209 -14.25 10.17 -21.83
N VAL D 210 -13.05 10.69 -22.04
CA VAL D 210 -12.90 12.05 -22.56
C VAL D 210 -13.47 12.15 -23.96
N THR D 211 -13.20 11.16 -24.80
CA THR D 211 -13.77 11.16 -26.15
C THR D 211 -15.29 11.11 -26.11
N ASP D 212 -15.85 10.28 -25.23
CA ASP D 212 -17.31 10.23 -25.11
C ASP D 212 -17.87 11.54 -24.59
N LEU D 213 -17.16 12.21 -23.69
CA LEU D 213 -17.58 13.53 -23.22
C LEU D 213 -17.57 14.54 -24.36
N MET D 214 -16.56 14.49 -25.21
CA MET D 214 -16.54 15.38 -26.37
C MET D 214 -17.70 15.09 -27.30
N VAL D 215 -18.06 13.81 -27.47
CA VAL D 215 -19.22 13.40 -28.31
C VAL D 215 -20.46 14.00 -27.66
N SER D 216 -20.61 13.92 -26.35
CA SER D 216 -21.84 14.34 -25.68
C SER D 216 -21.98 15.85 -25.55
N VAL D 217 -20.87 16.60 -25.61
CA VAL D 217 -20.91 18.05 -25.46
C VAL D 217 -20.85 18.77 -26.80
N LEU D 218 -20.14 18.23 -27.79
CA LEU D 218 -19.94 18.92 -29.06
C LEU D 218 -20.79 18.38 -30.21
N VAL D 219 -21.36 17.19 -30.09
CA VAL D 219 -22.11 16.58 -31.17
C VAL D 219 -23.57 16.35 -30.79
N LEU D 220 -23.82 15.80 -29.60
CA LEU D 220 -25.18 15.46 -29.18
C LEU D 220 -26.12 16.65 -29.13
N PRO D 221 -25.73 17.82 -28.60
CA PRO D 221 -26.67 18.96 -28.62
C PRO D 221 -27.16 19.33 -30.02
N MET D 222 -26.27 19.45 -30.99
CA MET D 222 -26.69 19.82 -32.34
C MET D 222 -27.55 18.73 -32.97
N ALA D 223 -27.21 17.47 -32.74
CA ALA D 223 -28.03 16.38 -33.26
C ALA D 223 -29.42 16.39 -32.63
N ALA D 224 -29.50 16.69 -31.33
CA ALA D 224 -30.79 16.77 -30.67
C ALA D 224 -31.62 17.93 -31.22
N LEU D 225 -30.98 19.07 -31.48
CA LEU D 225 -31.69 20.18 -32.10
C LEU D 225 -32.20 19.80 -33.48
N TYR D 226 -31.38 19.11 -34.26
CA TYR D 226 -31.79 18.64 -35.58
C TYR D 226 -32.98 17.69 -35.48
N GLN D 227 -32.95 16.79 -34.50
CA GLN D 227 -34.06 15.85 -34.32
C GLN D 227 -35.34 16.58 -33.92
N VAL D 228 -35.24 17.54 -33.01
CA VAL D 228 -36.43 18.22 -32.51
C VAL D 228 -37.05 19.09 -33.60
N LEU D 229 -36.23 19.90 -34.28
CA LEU D 229 -36.78 20.79 -35.29
C LEU D 229 -37.10 20.08 -36.60
N ASN D 230 -36.60 18.85 -36.77
CA ASN D 230 -36.83 18.06 -37.98
C ASN D 230 -36.32 18.80 -39.22
N LYS D 231 -35.33 19.66 -39.04
CA LYS D 231 -34.70 20.40 -40.12
C LYS D 231 -33.44 21.06 -39.58
N TRP D 232 -32.53 21.39 -40.48
CA TRP D 232 -31.27 22.05 -40.10
C TRP D 232 -31.45 23.55 -40.26
N THR D 233 -31.28 24.28 -39.15
CA THR D 233 -31.45 25.73 -39.16
C THR D 233 -30.24 26.43 -38.56
N LEU D 234 -29.05 25.98 -38.91
CA LEU D 234 -27.85 26.58 -38.36
C LEU D 234 -26.88 27.10 -39.42
N GLY D 235 -26.97 26.60 -40.66
CA GLY D 235 -26.13 27.08 -41.72
C GLY D 235 -25.31 26.00 -42.39
N GLN D 236 -24.80 26.29 -43.59
CA GLN D 236 -24.00 25.30 -44.32
C GLN D 236 -22.65 25.08 -43.65
N VAL D 237 -21.98 26.15 -43.22
CA VAL D 237 -20.69 25.99 -42.56
C VAL D 237 -20.83 25.27 -41.23
N THR D 238 -21.91 25.59 -40.49
CA THR D 238 -22.17 24.87 -39.25
C THR D 238 -22.51 23.41 -39.53
N CYS D 239 -23.19 23.14 -40.65
CA CYS D 239 -23.47 21.75 -41.03
C CYS D 239 -22.17 20.99 -41.29
N ASP D 240 -21.23 21.62 -42.00
CA ASP D 240 -19.94 20.98 -42.25
C ASP D 240 -19.19 20.74 -40.95
N LEU D 241 -19.21 21.72 -40.05
CA LEU D 241 -18.55 21.54 -38.76
C LEU D 241 -19.17 20.40 -37.96
N PHE D 242 -20.50 20.31 -37.96
CA PHE D 242 -21.17 19.23 -37.25
C PHE D 242 -20.82 17.88 -37.83
N ILE D 243 -20.80 17.77 -39.17
CA ILE D 243 -20.44 16.51 -39.80
C ILE D 243 -19.02 16.12 -39.45
N ALA D 244 -18.09 17.07 -39.53
CA ALA D 244 -16.70 16.77 -39.25
C ALA D 244 -16.51 16.33 -37.81
N LEU D 245 -17.12 17.06 -36.87
CA LEU D 245 -17.03 16.68 -35.44
C LEU D 245 -17.69 15.31 -35.24
N ASP D 246 -18.84 15.08 -35.87
CA ASP D 246 -19.57 13.79 -35.73
C ASP D 246 -18.68 12.64 -36.18
N VAL D 247 -18.12 12.73 -37.39
CA VAL D 247 -17.30 11.61 -37.94
C VAL D 247 -16.04 11.45 -37.07
N LEU D 248 -15.35 12.54 -36.73
CA LEU D 248 -14.08 12.47 -35.97
C LEU D 248 -14.32 11.84 -34.59
N CYS D 249 -15.16 12.45 -33.76
CA CYS D 249 -15.34 11.98 -32.35
C CYS D 249 -15.88 10.54 -32.31
N CYS D 250 -16.87 10.20 -33.13
CA CYS D 250 -17.49 8.84 -33.06
C CYS D 250 -16.49 7.78 -33.57
N THR D 251 -15.75 8.06 -34.65
CA THR D 251 -14.72 7.10 -35.13
C THR D 251 -13.68 6.90 -34.02
N SER D 252 -13.29 7.99 -33.34
CA SER D 252 -12.31 7.89 -32.24
C SER D 252 -12.85 6.97 -31.14
N SER D 253 -14.11 7.17 -30.72
CA SER D 253 -14.71 6.33 -29.65
C SER D 253 -14.57 4.85 -29.99
N ILE D 254 -14.77 4.47 -31.25
CA ILE D 254 -14.66 3.07 -31.67
C ILE D 254 -13.22 2.60 -31.60
N TRP D 255 -12.29 3.43 -32.06
CA TRP D 255 -10.89 2.99 -32.04
C TRP D 255 -10.31 3.02 -30.63
N HIS D 256 -10.87 3.80 -29.71
CA HIS D 256 -10.52 3.62 -28.30
C HIS D 256 -10.97 2.27 -27.79
N LEU D 257 -12.16 1.83 -28.17
CA LEU D 257 -12.57 0.47 -27.79
C LEU D 257 -11.58 -0.56 -28.31
N CYS D 258 -11.16 -0.42 -29.57
CA CYS D 258 -10.21 -1.37 -30.14
C CYS D 258 -8.85 -1.27 -29.44
N ALA D 259 -8.42 -0.06 -29.07
CA ALA D 259 -7.14 0.10 -28.37
C ALA D 259 -7.18 -0.56 -27.00
N ILE D 260 -8.30 -0.42 -26.29
CA ILE D 260 -8.44 -1.10 -25.00
C ILE D 260 -8.37 -2.60 -25.18
N ALA D 261 -9.06 -3.12 -26.21
CA ALA D 261 -8.99 -4.56 -26.47
C ALA D 261 -7.56 -5.01 -26.77
N LEU D 262 -6.82 -4.22 -27.56
CA LEU D 262 -5.45 -4.57 -27.90
C LEU D 262 -4.56 -4.57 -26.67
N ASP D 263 -4.73 -3.57 -25.80
CA ASP D 263 -3.93 -3.53 -24.57
C ASP D 263 -4.22 -4.72 -23.67
N ARG D 264 -5.49 -5.09 -23.54
CA ARG D 264 -5.84 -6.27 -22.76
C ARG D 264 -5.21 -7.52 -23.35
N TYR D 265 -5.24 -7.65 -24.68
CA TYR D 265 -4.64 -8.81 -25.34
C TYR D 265 -3.15 -8.87 -25.09
N TRP D 266 -2.46 -7.74 -25.17
CA TRP D 266 -1.02 -7.73 -24.93
C TRP D 266 -0.71 -8.07 -23.48
N ALA D 267 -1.52 -7.57 -22.54
CA ALA D 267 -1.26 -7.86 -21.13
C ALA D 267 -1.49 -9.32 -20.80
N ILE D 268 -2.55 -9.92 -21.35
CA ILE D 268 -2.90 -11.29 -20.98
C ILE D 268 -1.93 -12.28 -21.62
N THR D 269 -1.57 -12.08 -22.88
CA THR D 269 -0.81 -13.06 -23.64
C THR D 269 0.71 -12.86 -23.54
N ASP D 270 1.17 -11.76 -22.95
CA ASP D 270 2.60 -11.47 -22.87
C ASP D 270 2.92 -10.90 -21.50
N PRO D 271 3.04 -11.76 -20.49
CA PRO D 271 3.40 -11.26 -19.15
C PRO D 271 4.76 -10.60 -19.08
N ILE D 272 5.74 -11.08 -19.85
CA ILE D 272 7.06 -10.48 -19.83
C ILE D 272 7.00 -9.04 -20.33
N ASP D 273 6.27 -8.81 -21.43
CA ASP D 273 6.09 -7.46 -21.93
C ASP D 273 5.30 -6.61 -20.93
N TYR D 274 4.34 -7.21 -20.23
CA TYR D 274 3.60 -6.50 -19.20
C TYR D 274 4.51 -6.01 -18.10
N VAL D 275 5.44 -6.84 -17.65
CA VAL D 275 6.35 -6.45 -16.57
C VAL D 275 7.39 -5.46 -17.04
N ASN D 276 8.00 -5.68 -18.21
CA ASN D 276 9.17 -4.91 -18.61
C ASN D 276 8.82 -3.64 -19.40
N LYS D 277 8.19 -3.80 -20.56
CA LYS D 277 8.12 -2.73 -21.55
C LYS D 277 6.75 -2.06 -21.63
N ARG D 278 5.94 -2.15 -20.58
CA ARG D 278 4.61 -1.53 -20.60
C ARG D 278 4.67 -0.24 -19.81
N THR D 279 4.61 0.88 -20.51
CA THR D 279 4.79 2.21 -19.95
C THR D 279 3.67 3.10 -20.46
N PRO D 280 3.39 4.22 -19.77
CA PRO D 280 2.32 5.12 -20.24
C PRO D 280 2.55 5.69 -21.62
N ARG D 281 3.80 5.70 -22.11
CA ARG D 281 4.04 6.12 -23.49
C ARG D 281 3.29 5.24 -24.47
N ARG D 282 3.09 3.96 -24.14
CA ARG D 282 2.28 3.09 -24.98
C ARG D 282 0.84 3.58 -25.04
N ALA D 283 0.28 3.97 -23.90
CA ALA D 283 -1.08 4.51 -23.89
C ALA D 283 -1.16 5.79 -24.70
N ALA D 284 -0.17 6.67 -24.56
CA ALA D 284 -0.16 7.91 -25.34
C ALA D 284 -0.10 7.62 -26.83
N ALA D 285 0.73 6.65 -27.23
CA ALA D 285 0.82 6.29 -28.64
C ALA D 285 -0.50 5.74 -29.15
N LEU D 286 -1.16 4.89 -28.35
CA LEU D 286 -2.43 4.33 -28.78
C LEU D 286 -3.50 5.41 -28.95
N ILE D 287 -3.56 6.35 -27.99
CA ILE D 287 -4.55 7.43 -28.09
C ILE D 287 -4.25 8.31 -29.31
N SER D 288 -2.98 8.63 -29.53
CA SER D 288 -2.62 9.44 -30.68
C SER D 288 -2.97 8.74 -31.99
N LEU D 289 -2.74 7.43 -32.06
CA LEU D 289 -3.10 6.69 -33.27
C LEU D 289 -4.60 6.68 -33.48
N THR D 290 -5.38 6.53 -32.40
CA THR D 290 -6.83 6.56 -32.51
C THR D 290 -7.30 7.90 -33.07
N TRP D 291 -6.80 9.00 -32.51
CA TRP D 291 -7.23 10.32 -32.99
C TRP D 291 -6.73 10.58 -34.40
N LEU D 292 -5.57 10.01 -34.77
CA LEU D 292 -5.09 10.15 -36.14
C LEU D 292 -6.01 9.43 -37.12
N ILE D 293 -6.49 8.23 -36.75
CA ILE D 293 -7.46 7.54 -37.60
C ILE D 293 -8.74 8.35 -37.72
N GLY D 294 -9.19 8.93 -36.60
CA GLY D 294 -10.37 9.78 -36.65
C GLY D 294 -10.21 10.95 -37.60
N PHE D 295 -9.05 11.62 -37.54
CA PHE D 295 -8.79 12.72 -38.47
C PHE D 295 -8.75 12.22 -39.91
N LEU D 296 -8.09 11.09 -40.15
CA LEU D 296 -7.97 10.58 -41.51
C LEU D 296 -9.33 10.20 -42.09
N ILE D 297 -10.29 9.86 -41.23
CA ILE D 297 -11.64 9.59 -41.71
C ILE D 297 -12.50 10.84 -41.84
N SER D 298 -12.27 11.85 -41.00
CA SER D 298 -13.15 13.02 -40.97
C SER D 298 -12.73 14.13 -41.94
N ILE D 299 -11.42 14.31 -42.18
CA ILE D 299 -10.96 15.44 -42.98
C ILE D 299 -11.31 15.34 -44.46
N PRO D 300 -11.03 14.23 -45.15
CA PRO D 300 -11.04 14.26 -46.63
C PRO D 300 -12.37 14.67 -47.26
N PRO D 301 -13.55 14.44 -46.65
CA PRO D 301 -14.76 15.01 -47.27
C PRO D 301 -14.77 16.53 -47.31
N MET D 302 -14.02 17.20 -46.43
CA MET D 302 -14.00 18.66 -46.45
C MET D 302 -13.12 19.18 -47.57
N LEU D 303 -11.92 18.62 -47.73
CA LEU D 303 -10.98 19.04 -48.77
C LEU D 303 -11.36 18.35 -50.07
N GLY D 304 -12.45 18.82 -50.66
CA GLY D 304 -12.95 18.22 -51.89
C GLY D 304 -13.52 16.83 -51.64
N TRP D 305 -13.64 16.07 -52.73
CA TRP D 305 -14.12 14.69 -52.67
C TRP D 305 -15.49 14.61 -52.01
N ARG D 306 -16.33 15.60 -52.32
CA ARG D 306 -17.68 15.68 -51.77
C ARG D 306 -18.63 16.04 -52.90
N THR D 307 -19.72 15.29 -53.04
CA THR D 307 -20.68 15.57 -54.09
C THR D 307 -21.43 16.86 -53.79
N PRO D 308 -21.88 17.59 -54.81
CA PRO D 308 -22.65 18.82 -54.57
C PRO D 308 -24.03 18.56 -53.96
N GLU D 309 -24.44 17.29 -53.94
CA GLU D 309 -25.74 16.94 -53.40
C GLU D 309 -25.85 17.30 -51.91
N ASP D 310 -24.72 17.35 -51.20
CA ASP D 310 -24.75 17.74 -49.80
C ASP D 310 -25.24 19.18 -49.64
N ARG D 311 -24.76 20.09 -50.48
CA ARG D 311 -25.20 21.48 -50.45
C ARG D 311 -26.42 21.74 -51.33
N SER D 312 -26.90 20.73 -52.05
CA SER D 312 -28.06 20.92 -52.92
C SER D 312 -29.30 21.28 -52.11
N ASP D 313 -29.51 20.61 -50.97
CA ASP D 313 -30.68 20.88 -50.13
C ASP D 313 -30.25 21.62 -48.88
N PRO D 314 -30.53 22.91 -48.75
CA PRO D 314 -30.13 23.64 -47.54
C PRO D 314 -30.80 23.11 -46.28
N ASP D 315 -31.98 22.50 -46.39
CA ASP D 315 -32.72 22.03 -45.22
C ASP D 315 -32.38 20.57 -44.91
N ALA D 316 -31.08 20.31 -44.81
CA ALA D 316 -30.58 18.97 -44.53
C ALA D 316 -29.09 19.05 -44.27
N CYS D 317 -28.57 18.09 -43.50
CA CYS D 317 -27.16 17.99 -43.17
C CYS D 317 -26.68 16.56 -43.32
N THR D 318 -27.02 15.91 -44.44
CA THR D 318 -26.65 14.52 -44.64
C THR D 318 -25.16 14.38 -44.94
N ILE D 319 -24.58 13.27 -44.48
CA ILE D 319 -23.19 12.96 -44.79
C ILE D 319 -23.07 12.64 -46.28
N SER D 320 -21.89 12.91 -46.84
CA SER D 320 -21.65 12.66 -48.26
C SER D 320 -21.94 11.20 -48.61
N LYS D 321 -22.65 11.00 -49.72
CA LYS D 321 -23.10 9.69 -50.13
C LYS D 321 -22.35 9.19 -51.36
N ASP D 322 -21.14 9.68 -51.58
CA ASP D 322 -20.30 9.15 -52.65
C ASP D 322 -19.93 7.71 -52.37
N HIS D 323 -19.97 6.87 -53.40
CA HIS D 323 -19.74 5.44 -53.20
C HIS D 323 -18.34 5.17 -52.66
N GLY D 324 -17.33 5.82 -53.24
CA GLY D 324 -15.96 5.62 -52.77
C GLY D 324 -15.78 6.08 -51.35
N TYR D 325 -16.28 7.27 -51.02
CA TYR D 325 -16.17 7.77 -49.65
C TYR D 325 -16.99 6.91 -48.69
N THR D 326 -18.15 6.43 -49.14
CA THR D 326 -18.95 5.56 -48.29
C THR D 326 -18.17 4.30 -47.93
N ILE D 327 -17.60 3.64 -48.94
CA ILE D 327 -16.82 2.42 -48.69
C ILE D 327 -15.66 2.71 -47.75
N TYR D 328 -14.89 3.75 -48.07
CA TYR D 328 -13.70 4.09 -47.30
C TYR D 328 -14.04 4.38 -45.84
N SER D 329 -15.01 5.27 -45.62
CA SER D 329 -15.34 5.68 -44.25
C SER D 329 -15.96 4.53 -43.47
N THR D 330 -16.94 3.83 -44.06
CA THR D 330 -17.58 2.74 -43.33
C THR D 330 -16.58 1.66 -42.95
N PHE D 331 -15.76 1.21 -43.91
CA PHE D 331 -14.75 0.23 -43.57
C PHE D 331 -13.82 0.74 -42.47
N GLY D 332 -13.07 1.81 -42.76
CA GLY D 332 -12.06 2.28 -41.83
C GLY D 332 -12.57 2.80 -40.51
N ALA D 333 -13.89 2.96 -40.34
CA ALA D 333 -14.43 3.39 -39.07
C ALA D 333 -15.17 2.32 -38.30
N PHE D 334 -15.72 1.32 -38.97
CA PHE D 334 -16.41 0.30 -38.18
C PHE D 334 -15.98 -1.12 -38.51
N TYR D 335 -15.68 -1.43 -39.77
CA TYR D 335 -15.56 -2.83 -40.16
C TYR D 335 -14.17 -3.38 -39.87
N ILE D 336 -13.13 -2.63 -40.20
CA ILE D 336 -11.78 -3.01 -39.75
C ILE D 336 -11.70 -3.05 -38.23
N PRO D 337 -12.21 -2.05 -37.48
CA PRO D 337 -12.25 -2.20 -36.01
C PRO D 337 -13.02 -3.43 -35.56
N LEU D 338 -14.12 -3.77 -36.24
CA LEU D 338 -14.91 -4.92 -35.81
C LEU D 338 -14.12 -6.22 -35.96
N LEU D 339 -13.47 -6.42 -37.11
CA LEU D 339 -12.67 -7.62 -37.30
C LEU D 339 -11.50 -7.65 -36.32
N LEU D 340 -10.85 -6.52 -36.12
CA LEU D 340 -9.71 -6.48 -35.20
C LEU D 340 -10.15 -6.86 -33.79
N MET D 341 -11.26 -6.29 -33.32
CA MET D 341 -11.75 -6.57 -31.98
C MET D 341 -12.19 -8.01 -31.85
N LEU D 342 -12.86 -8.55 -32.88
CA LEU D 342 -13.30 -9.95 -32.82
C LEU D 342 -12.09 -10.88 -32.71
N VAL D 343 -11.05 -10.66 -33.52
CA VAL D 343 -9.88 -11.52 -33.48
C VAL D 343 -9.19 -11.41 -32.12
N LEU D 344 -8.99 -10.18 -31.64
CA LEU D 344 -8.29 -10.00 -30.37
C LEU D 344 -9.05 -10.65 -29.22
N TYR D 345 -10.37 -10.46 -29.17
CA TYR D 345 -11.13 -11.01 -28.05
C TYR D 345 -11.31 -12.52 -28.18
N GLY D 346 -11.29 -13.06 -29.39
CA GLY D 346 -11.27 -14.51 -29.54
C GLY D 346 -9.98 -15.11 -29.00
N ARG D 347 -8.85 -14.48 -29.32
CA ARG D 347 -7.57 -14.95 -28.78
C ARG D 347 -7.55 -14.83 -27.25
N ILE D 348 -8.08 -13.72 -26.72
CA ILE D 348 -8.15 -13.53 -25.28
C ILE D 348 -9.02 -14.61 -24.63
N PHE D 349 -10.15 -14.93 -25.26
CA PHE D 349 -11.03 -15.96 -24.74
C PHE D 349 -10.35 -17.31 -24.71
N ARG D 350 -9.62 -17.65 -25.78
CA ARG D 350 -8.90 -18.91 -25.79
C ARG D 350 -7.84 -18.96 -24.69
N ALA D 351 -7.12 -17.86 -24.50
CA ALA D 351 -6.12 -17.82 -23.43
C ALA D 351 -6.76 -17.98 -22.06
N ALA D 352 -7.90 -17.30 -21.84
CA ALA D 352 -8.58 -17.40 -20.56
C ALA D 352 -9.07 -18.82 -20.30
N ARG D 353 -9.63 -19.47 -21.32
CA ARG D 353 -10.07 -20.85 -21.15
C ARG D 353 -8.90 -21.77 -20.86
N PHE D 354 -7.77 -21.56 -21.54
CA PHE D 354 -6.59 -22.39 -21.29
C PHE D 354 -6.11 -22.23 -19.86
N ARG D 355 -6.10 -21.00 -19.35
CA ARG D 355 -5.70 -20.78 -17.96
C ARG D 355 -6.68 -21.42 -16.99
N ILE D 356 -7.98 -21.31 -17.27
CA ILE D 356 -8.99 -21.83 -16.34
C ILE D 356 -8.93 -23.35 -16.28
N ARG D 357 -8.88 -24.01 -17.43
CA ARG D 357 -8.95 -25.46 -17.47
C ARG D 357 -7.76 -26.09 -16.77
N LYS D 358 -6.56 -25.56 -17.02
CA LYS D 358 -5.34 -26.13 -16.45
C LYS D 358 -5.30 -25.97 -14.93
N LYS D 454 -11.53 -34.49 2.05
CA LYS D 454 -11.37 -35.62 1.14
C LYS D 454 -11.03 -35.13 -0.27
N ASN D 455 -10.36 -35.98 -1.05
CA ASN D 455 -9.95 -35.60 -2.39
C ASN D 455 -11.14 -35.35 -3.30
N GLU D 456 -12.20 -36.17 -3.17
CA GLU D 456 -13.36 -36.01 -4.04
C GLU D 456 -14.06 -34.68 -3.82
N ARG D 457 -14.18 -34.24 -2.56
CA ARG D 457 -14.80 -32.96 -2.28
C ARG D 457 -13.99 -31.81 -2.87
N ASN D 458 -12.67 -31.87 -2.74
CA ASN D 458 -11.82 -30.83 -3.31
C ASN D 458 -11.93 -30.80 -4.82
N ALA D 459 -11.96 -31.99 -5.46
CA ALA D 459 -12.10 -32.05 -6.90
C ALA D 459 -13.44 -31.47 -7.35
N GLU D 460 -14.52 -31.78 -6.63
CA GLU D 460 -15.82 -31.24 -6.97
C GLU D 460 -15.84 -29.72 -6.81
N ALA D 461 -15.23 -29.21 -5.74
CA ALA D 461 -15.16 -27.77 -5.54
C ALA D 461 -14.37 -27.10 -6.66
N LYS D 462 -13.25 -27.69 -7.06
CA LYS D 462 -12.47 -27.13 -8.15
C LYS D 462 -13.26 -27.15 -9.46
N ARG D 463 -14.00 -28.22 -9.73
CA ARG D 463 -14.80 -28.28 -10.95
C ARG D 463 -15.88 -27.21 -10.95
N LYS D 464 -16.57 -27.03 -9.82
CA LYS D 464 -17.58 -25.99 -9.73
C LYS D 464 -16.97 -24.60 -9.90
N MET D 465 -15.80 -24.37 -9.31
CA MET D 465 -15.14 -23.07 -9.44
C MET D 465 -14.74 -22.82 -10.90
N ALA D 466 -14.24 -23.84 -11.58
CA ALA D 466 -13.89 -23.70 -12.99
C ALA D 466 -15.11 -23.39 -13.83
N LEU D 467 -16.24 -24.07 -13.55
CA LEU D 467 -17.46 -23.78 -14.29
C LEU D 467 -17.93 -22.35 -14.05
N ALA D 468 -17.84 -21.88 -12.81
CA ALA D 468 -18.25 -20.51 -12.51
C ALA D 468 -17.36 -19.51 -13.25
N ARG D 469 -16.05 -19.76 -13.27
CA ARG D 469 -15.14 -18.87 -13.97
C ARG D 469 -15.40 -18.88 -15.48
N GLU D 470 -15.71 -20.05 -16.03
CA GLU D 470 -16.05 -20.12 -17.45
C GLU D 470 -17.31 -19.33 -17.76
N ARG D 471 -18.33 -19.46 -16.91
CA ARG D 471 -19.54 -18.67 -17.12
C ARG D 471 -19.27 -17.18 -17.02
N LYS D 472 -18.44 -16.75 -16.08
CA LYS D 472 -18.12 -15.33 -15.99
C LYS D 472 -17.33 -14.83 -17.19
N THR D 473 -16.36 -15.60 -17.67
CA THR D 473 -15.58 -15.17 -18.83
C THR D 473 -16.38 -15.24 -20.12
N VAL D 474 -17.48 -16.00 -20.14
CA VAL D 474 -18.41 -15.90 -21.26
C VAL D 474 -19.29 -14.67 -21.13
N LYS D 475 -19.84 -14.43 -19.94
CA LYS D 475 -20.77 -13.29 -19.73
C LYS D 475 -20.06 -11.97 -20.04
N THR D 476 -18.87 -11.74 -19.49
CA THR D 476 -18.21 -10.45 -19.68
C THR D 476 -17.92 -10.18 -21.15
N LEU D 477 -17.38 -11.19 -21.85
CA LEU D 477 -17.10 -11.05 -23.27
C LEU D 477 -18.38 -10.80 -24.05
N GLY D 478 -19.45 -11.52 -23.70
CA GLY D 478 -20.74 -11.28 -24.34
C GLY D 478 -21.24 -9.87 -24.12
N ILE D 479 -21.12 -9.36 -22.89
CA ILE D 479 -21.56 -7.99 -22.61
C ILE D 479 -20.81 -7.01 -23.49
N ILE D 480 -19.47 -7.11 -23.52
CA ILE D 480 -18.68 -6.16 -24.30
C ILE D 480 -19.06 -6.22 -25.78
N MET D 481 -18.98 -7.41 -26.37
CA MET D 481 -19.17 -7.51 -27.81
C MET D 481 -20.61 -7.22 -28.21
N GLY D 482 -21.58 -7.68 -27.42
CA GLY D 482 -22.97 -7.42 -27.73
C GLY D 482 -23.32 -5.95 -27.62
N THR D 483 -22.77 -5.25 -26.62
CA THR D 483 -23.00 -3.82 -26.54
C THR D 483 -22.44 -3.12 -27.78
N PHE D 484 -21.20 -3.46 -28.16
CA PHE D 484 -20.61 -2.81 -29.33
C PHE D 484 -21.46 -3.07 -30.58
N ILE D 485 -21.84 -4.33 -30.80
CA ILE D 485 -22.62 -4.68 -32.00
C ILE D 485 -23.97 -3.97 -31.98
N LEU D 486 -24.78 -4.24 -30.96
CA LEU D 486 -26.13 -3.68 -30.93
C LEU D 486 -26.12 -2.16 -30.88
N CYS D 487 -24.99 -1.54 -30.53
CA CYS D 487 -24.93 -0.09 -30.59
C CYS D 487 -24.62 0.41 -32.00
N TRP D 488 -23.60 -0.15 -32.65
CA TRP D 488 -23.08 0.49 -33.86
C TRP D 488 -23.38 -0.23 -35.17
N LEU D 489 -23.67 -1.53 -35.14
CA LEU D 489 -23.82 -2.30 -36.37
C LEU D 489 -24.96 -1.83 -37.26
N PRO D 490 -26.19 -1.63 -36.77
CA PRO D 490 -27.29 -1.29 -37.69
C PRO D 490 -27.06 -0.02 -38.50
N PHE D 491 -26.50 1.01 -37.88
CA PHE D 491 -26.29 2.25 -38.60
C PHE D 491 -25.30 2.05 -39.75
N PHE D 492 -24.25 1.27 -39.52
CA PHE D 492 -23.26 1.07 -40.57
C PHE D 492 -23.77 0.12 -41.65
N ILE D 493 -24.63 -0.84 -41.30
CA ILE D 493 -25.29 -1.62 -42.34
C ILE D 493 -26.14 -0.72 -43.23
N VAL D 494 -26.89 0.20 -42.61
CA VAL D 494 -27.71 1.13 -43.38
C VAL D 494 -26.82 2.01 -44.27
N ALA D 495 -25.75 2.55 -43.70
CA ALA D 495 -24.88 3.46 -44.44
C ALA D 495 -24.07 2.76 -45.52
N LEU D 496 -23.93 1.43 -45.44
CA LEU D 496 -23.28 0.70 -46.50
C LEU D 496 -24.24 0.18 -47.56
N VAL D 497 -25.51 -0.02 -47.21
CA VAL D 497 -26.48 -0.56 -48.15
C VAL D 497 -27.17 0.54 -48.95
N LEU D 498 -27.73 1.54 -48.26
CA LEU D 498 -28.56 2.54 -48.95
C LEU D 498 -27.83 3.32 -50.03
N PRO D 499 -26.61 3.84 -49.83
CA PRO D 499 -25.98 4.62 -50.91
C PRO D 499 -25.82 3.86 -52.21
N PHE D 500 -25.56 2.56 -52.15
CA PHE D 500 -25.40 1.79 -53.38
C PHE D 500 -26.73 1.57 -54.08
N CYS D 501 -27.80 1.33 -53.30
CA CYS D 501 -29.13 1.12 -53.85
C CYS D 501 -29.93 2.41 -53.64
N GLU D 502 -29.81 3.34 -54.60
CA GLU D 502 -30.46 4.64 -54.46
C GLU D 502 -31.97 4.50 -54.41
N SER D 503 -32.54 3.65 -55.26
CA SER D 503 -33.98 3.48 -55.34
C SER D 503 -34.40 2.14 -54.76
N SER D 504 -35.70 2.01 -54.53
CA SER D 504 -36.34 0.78 -54.02
C SER D 504 -35.84 0.41 -52.63
N CYS D 505 -35.25 1.35 -51.90
CA CYS D 505 -34.76 1.12 -50.54
C CYS D 505 -35.15 2.27 -49.62
N HIS D 506 -36.42 2.66 -49.68
CA HIS D 506 -36.92 3.72 -48.81
C HIS D 506 -36.81 3.31 -47.35
N MET D 507 -36.44 4.26 -46.51
CA MET D 507 -36.22 4.01 -45.08
C MET D 507 -37.37 4.62 -44.28
N PRO D 508 -38.06 3.85 -43.44
CA PRO D 508 -39.10 4.43 -42.60
C PRO D 508 -38.54 5.50 -41.67
N THR D 509 -39.35 6.51 -41.39
CA THR D 509 -38.87 7.65 -40.59
C THR D 509 -38.54 7.21 -39.17
N LEU D 510 -39.45 6.47 -38.53
CA LEU D 510 -39.22 6.05 -37.14
C LEU D 510 -38.02 5.12 -37.04
N LEU D 511 -37.98 4.09 -37.89
CA LEU D 511 -36.86 3.16 -37.87
C LEU D 511 -35.56 3.87 -38.22
N GLY D 512 -35.60 4.78 -39.20
CA GLY D 512 -34.39 5.52 -39.54
C GLY D 512 -33.88 6.36 -38.39
N ALA D 513 -34.79 7.05 -37.68
CA ALA D 513 -34.38 7.85 -36.54
C ALA D 513 -33.80 6.98 -35.43
N ILE D 514 -34.44 5.84 -35.14
CA ILE D 514 -33.94 4.95 -34.10
C ILE D 514 -32.55 4.42 -34.47
N ILE D 515 -32.37 4.04 -35.73
CA ILE D 515 -31.06 3.55 -36.18
C ILE D 515 -30.01 4.65 -36.08
N ASN D 516 -30.37 5.88 -36.44
CA ASN D 516 -29.42 6.98 -36.37
C ASN D 516 -29.02 7.26 -34.92
N TRP D 517 -29.97 7.18 -33.98
CA TRP D 517 -29.71 7.56 -32.61
C TRP D 517 -29.21 6.41 -31.73
N LEU D 518 -29.22 5.17 -32.23
CA LEU D 518 -28.66 4.07 -31.45
C LEU D 518 -27.17 4.20 -31.22
N GLY D 519 -26.43 4.76 -32.19
CA GLY D 519 -24.99 4.82 -32.06
C GLY D 519 -24.52 5.66 -30.89
N TYR D 520 -25.28 6.70 -30.55
CA TYR D 520 -24.85 7.62 -29.47
C TYR D 520 -25.04 6.97 -28.09
N SER D 521 -25.89 5.94 -27.99
CA SER D 521 -26.05 5.27 -26.71
C SER D 521 -24.78 4.51 -26.30
N ASN D 522 -23.90 4.22 -27.25
CA ASN D 522 -22.62 3.61 -26.90
C ASN D 522 -21.77 4.56 -26.07
N SER D 523 -21.80 5.85 -26.36
CA SER D 523 -21.05 6.82 -25.57
C SER D 523 -21.58 6.95 -24.16
N LEU D 524 -22.82 6.51 -23.91
CA LEU D 524 -23.36 6.47 -22.55
C LEU D 524 -23.09 5.14 -21.86
N LEU D 525 -23.15 4.03 -22.60
CA LEU D 525 -22.93 2.72 -22.01
C LEU D 525 -21.46 2.36 -21.84
N ASN D 526 -20.55 3.09 -22.49
CA ASN D 526 -19.13 2.78 -22.34
C ASN D 526 -18.61 2.98 -20.92
N PRO D 527 -18.87 4.09 -20.22
CA PRO D 527 -18.41 4.20 -18.83
C PRO D 527 -19.00 3.14 -17.93
N VAL D 528 -20.23 2.71 -18.20
CA VAL D 528 -20.85 1.67 -17.37
C VAL D 528 -20.07 0.37 -17.48
N ILE D 529 -19.67 0.00 -18.69
CA ILE D 529 -19.00 -1.28 -18.90
C ILE D 529 -17.54 -1.21 -18.49
N TYR D 530 -16.82 -0.18 -18.93
CA TYR D 530 -15.38 -0.14 -18.74
C TYR D 530 -14.95 0.56 -17.46
N ALA D 531 -15.80 1.36 -16.85
CA ALA D 531 -15.40 2.10 -15.65
C ALA D 531 -16.27 1.80 -14.43
N TYR D 532 -17.59 1.74 -14.58
CA TYR D 532 -18.47 1.59 -13.43
C TYR D 532 -18.64 0.15 -12.99
N PHE D 533 -17.75 -0.76 -13.42
CA PHE D 533 -17.89 -2.17 -13.04
C PHE D 533 -16.71 -2.71 -12.25
N ASN D 534 -15.48 -2.35 -12.61
CA ASN D 534 -14.32 -2.89 -11.88
C ASN D 534 -14.30 -2.35 -10.46
N LYS D 535 -13.73 -3.14 -9.55
CA LYS D 535 -13.85 -2.86 -8.12
C LYS D 535 -13.11 -1.58 -7.74
N ASP D 536 -11.95 -1.32 -8.35
CA ASP D 536 -11.15 -0.17 -7.96
C ASP D 536 -11.89 1.14 -8.22
N PHE D 537 -12.56 1.24 -9.37
CA PHE D 537 -13.34 2.45 -9.65
C PHE D 537 -14.47 2.63 -8.66
N GLN D 538 -15.16 1.53 -8.32
CA GLN D 538 -16.24 1.62 -7.34
C GLN D 538 -15.72 2.09 -5.99
N ASN D 539 -14.58 1.56 -5.56
CA ASN D 539 -13.99 2.00 -4.30
C ASN D 539 -13.62 3.47 -4.34
N ALA D 540 -13.02 3.91 -5.46
CA ALA D 540 -12.66 5.32 -5.58
C ALA D 540 -13.89 6.21 -5.54
N PHE D 541 -14.95 5.82 -6.24
CA PHE D 541 -16.18 6.61 -6.24
C PHE D 541 -16.82 6.66 -4.86
N LYS D 542 -16.80 5.53 -4.14
CA LYS D 542 -17.30 5.53 -2.77
C LYS D 542 -16.49 6.45 -1.88
N LYS D 543 -15.17 6.46 -2.05
CA LYS D 543 -14.32 7.37 -1.28
C LYS D 543 -14.63 8.83 -1.61
N ILE D 544 -14.86 9.13 -2.89
CA ILE D 544 -15.15 10.50 -3.29
C ILE D 544 -16.53 10.92 -2.81
N ILE D 545 -17.51 10.01 -2.88
CA ILE D 545 -18.88 10.32 -2.49
C ILE D 545 -18.96 10.75 -1.04
#